data_5LFX
# 
_entry.id   5LFX 
# 
_audit_conform.dict_name       mmcif_pdbx.dic 
_audit_conform.dict_version    5.391 
_audit_conform.dict_location   http://mmcif.pdb.org/dictionaries/ascii/mmcif_pdbx.dic 
# 
loop_
_database_2.database_id 
_database_2.database_code 
_database_2.pdbx_database_accession 
_database_2.pdbx_DOI 
PDB   5LFX         pdb_00005lfx 10.2210/pdb5lfx/pdb 
WWPDB D_1200000673 ?            ?                   
# 
loop_
_pdbx_audit_revision_history.ordinal 
_pdbx_audit_revision_history.data_content_type 
_pdbx_audit_revision_history.major_revision 
_pdbx_audit_revision_history.minor_revision 
_pdbx_audit_revision_history.revision_date 
1 'Structure model' 1 0 2017-02-15 
2 'Structure model' 1 1 2017-04-19 
3 'Structure model' 1 2 2017-08-30 
4 'Structure model' 2 0 2024-05-08 
# 
_pdbx_audit_revision_details.ordinal             1 
_pdbx_audit_revision_details.revision_ordinal    1 
_pdbx_audit_revision_details.data_content_type   'Structure model' 
_pdbx_audit_revision_details.provider            repository 
_pdbx_audit_revision_details.type                'Initial release' 
_pdbx_audit_revision_details.description         ? 
_pdbx_audit_revision_details.details             ? 
# 
loop_
_pdbx_audit_revision_group.ordinal 
_pdbx_audit_revision_group.revision_ordinal 
_pdbx_audit_revision_group.data_content_type 
_pdbx_audit_revision_group.group 
1 2 'Structure model' 'Database references'        
2 3 'Structure model' 'Author supporting evidence' 
3 4 'Structure model' 'Atomic model'               
4 4 'Structure model' 'Data collection'            
5 4 'Structure model' 'Database references'        
6 4 'Structure model' 'Derived calculations'       
# 
loop_
_pdbx_audit_revision_category.ordinal 
_pdbx_audit_revision_category.revision_ordinal 
_pdbx_audit_revision_category.data_content_type 
_pdbx_audit_revision_category.category 
1 3 'Structure model' pdbx_audit_support     
2 4 'Structure model' atom_site              
3 4 'Structure model' chem_comp_atom         
4 4 'Structure model' chem_comp_bond         
5 4 'Structure model' database_2             
6 4 'Structure model' pdbx_struct_conn_angle 
7 4 'Structure model' struct_conn            
8 4 'Structure model' struct_conn_type       
# 
loop_
_pdbx_audit_revision_item.ordinal 
_pdbx_audit_revision_item.revision_ordinal 
_pdbx_audit_revision_item.data_content_type 
_pdbx_audit_revision_item.item 
1  3 'Structure model' '_pdbx_audit_support.funding_organization'  
2  4 'Structure model' '_atom_site.occupancy'                      
3  4 'Structure model' '_database_2.pdbx_DOI'                      
4  4 'Structure model' '_database_2.pdbx_database_accession'       
5  4 'Structure model' '_pdbx_struct_conn_angle.ptnr1_auth_seq_id' 
6  4 'Structure model' '_pdbx_struct_conn_angle.ptnr3_auth_seq_id' 
7  4 'Structure model' '_pdbx_struct_conn_angle.value'             
8  4 'Structure model' '_struct_conn.conn_type_id'                 
9  4 'Structure model' '_struct_conn.id'                           
10 4 'Structure model' '_struct_conn.pdbx_dist_value'              
11 4 'Structure model' '_struct_conn.pdbx_leaving_atom_flag'       
12 4 'Structure model' '_struct_conn.ptnr1_auth_asym_id'           
13 4 'Structure model' '_struct_conn.ptnr1_auth_comp_id'           
14 4 'Structure model' '_struct_conn.ptnr1_label_asym_id'          
15 4 'Structure model' '_struct_conn.ptnr1_label_atom_id'          
16 4 'Structure model' '_struct_conn.ptnr1_label_comp_id'          
17 4 'Structure model' '_struct_conn.ptnr2_auth_asym_id'           
18 4 'Structure model' '_struct_conn.ptnr2_auth_comp_id'           
19 4 'Structure model' '_struct_conn.ptnr2_auth_seq_id'            
20 4 'Structure model' '_struct_conn.ptnr2_label_asym_id'          
21 4 'Structure model' '_struct_conn.ptnr2_label_atom_id'          
22 4 'Structure model' '_struct_conn.ptnr2_label_comp_id'          
23 4 'Structure model' '_struct_conn.ptnr2_label_seq_id'           
24 4 'Structure model' '_struct_conn_type.id'                      
# 
_pdbx_database_status.status_code                     REL 
_pdbx_database_status.status_code_sf                  REL 
_pdbx_database_status.status_code_mr                  ? 
_pdbx_database_status.entry_id                        5LFX 
_pdbx_database_status.recvd_initial_deposition_date   2016-07-04 
_pdbx_database_status.SG_entry                        N 
_pdbx_database_status.deposit_site                    PDBE 
_pdbx_database_status.process_site                    PDBE 
_pdbx_database_status.status_code_cs                  ? 
_pdbx_database_status.methods_development_category    ? 
_pdbx_database_status.pdb_format_compatible           Y 
_pdbx_database_status.status_code_nmr_data            ? 
# 
loop_
_audit_author.name 
_audit_author.pdbx_ordinal 
'Hall, J.P.'   1 
'Cardin, C.J.' 2 
# 
_citation.abstract                  ? 
_citation.abstract_id_CAS           ? 
_citation.book_id_ISBN              ? 
_citation.book_publisher            ? 
_citation.book_publisher_city       ? 
_citation.book_title                ? 
_citation.coordinate_linkage        ? 
_citation.country                   GE 
_citation.database_id_Medline       ? 
_citation.details                   ? 
_citation.id                        primary 
_citation.journal_abbrev            Chemistry 
_citation.journal_id_ASTM           ? 
_citation.journal_id_CSD            ? 
_citation.journal_id_ISSN           1521-3765 
_citation.journal_full              ? 
_citation.journal_issue             ? 
_citation.journal_volume            23 
_citation.language                  ? 
_citation.page_first                4981 
_citation.page_last                 4985 
_citation.title                     
'Guanine Can Direct Binding Specificity of Ru-dipyridophenazine (dppz) Complexes to DNA through Steric Effects.' 
_citation.year                      2017 
_citation.database_id_CSD           ? 
_citation.pdbx_database_id_DOI      10.1002/chem.201605508 
_citation.pdbx_database_id_PubMed   28105682 
_citation.unpublished_flag          ? 
# 
loop_
_citation_author.citation_id 
_citation_author.name 
_citation_author.ordinal 
_citation_author.identifier_ORCID 
primary 'Hall, J.P.'    1  ? 
primary 'Gurung, S.P.'  2  ? 
primary 'Henle, J.'     3  ? 
primary 'Poidl, P.'     4  ? 
primary 'Andersson, J.' 5  ? 
primary 'Lincoln, P.'   6  ? 
primary 'Winter, G.'    7  ? 
primary 'Sorensen, T.'  8  ? 
primary 'Cardin, D.J.'  9  ? 
primary 'Brazier, J.A.' 10 ? 
primary 'Cardin, C.J.'  11 ? 
# 
loop_
_entity.id 
_entity.type 
_entity.src_method 
_entity.pdbx_description 
_entity.formula_weight 
_entity.pdbx_number_of_molecules 
_entity.pdbx_ec 
_entity.pdbx_mutation 
_entity.pdbx_fragment 
_entity.details 
1 polymer     syn 
;DNA (5'-D(*GP*CP*CP*G)-3')
;
1191.818 1  ? ? ? ? 
2 polymer     syn 
;DNA (5'-D(*(CBR)P*GP*GP*C)-3')
;
1190.734 1  ? ? ? ? 
3 non-polymer syn 'BARIUM ION'                     137.327  1  ? ? ? ? 
4 non-polymer syn 'Ru(phen)2(dppz-11,12-Me2)'      771.833  1  ? ? ? ? 
5 water       nat water                            18.015   49 ? ? ? ? 
# 
loop_
_entity_poly.entity_id 
_entity_poly.type 
_entity_poly.nstd_linkage 
_entity_poly.nstd_monomer 
_entity_poly.pdbx_seq_one_letter_code 
_entity_poly.pdbx_seq_one_letter_code_can 
_entity_poly.pdbx_strand_id 
_entity_poly.pdbx_target_identifier 
1 polydeoxyribonucleotide no no  '(DG)(DC)(DC)(DG)'  GCCG A ? 
2 polydeoxyribonucleotide no yes '(5BT)(DG)(DG)(DC)' XGGC C ? 
# 
loop_
_pdbx_entity_nonpoly.entity_id 
_pdbx_entity_nonpoly.name 
_pdbx_entity_nonpoly.comp_id 
3 'BARIUM ION'                BA  
4 'Ru(phen)2(dppz-11,12-Me2)' 9ZQ 
5 water                       HOH 
# 
loop_
_entity_poly_seq.entity_id 
_entity_poly_seq.num 
_entity_poly_seq.mon_id 
_entity_poly_seq.hetero 
1 1 DG  n 
1 2 DC  n 
1 3 DC  n 
1 4 DG  n 
2 1 5BT n 
2 2 DG  n 
2 3 DG  n 
2 4 DC  n 
# 
loop_
_pdbx_entity_src_syn.entity_id 
_pdbx_entity_src_syn.pdbx_src_id 
_pdbx_entity_src_syn.pdbx_alt_source_flag 
_pdbx_entity_src_syn.pdbx_beg_seq_num 
_pdbx_entity_src_syn.pdbx_end_seq_num 
_pdbx_entity_src_syn.organism_scientific 
_pdbx_entity_src_syn.organism_common_name 
_pdbx_entity_src_syn.ncbi_taxonomy_id 
_pdbx_entity_src_syn.details 
1 1 sample 1 4 'synthetic construct' ? 32630 ? 
2 1 sample 1 4 'synthetic construct' ? 32630 ? 
# 
loop_
_chem_comp.id 
_chem_comp.type 
_chem_comp.mon_nstd_flag 
_chem_comp.name 
_chem_comp.pdbx_synonyms 
_chem_comp.formula 
_chem_comp.formula_weight 
5BT non-polymer   . "5-bromo-2'-deoxycytidine"           "5-bromo-2'-doxy-D-cytidine" 'C9 H12 Br N3 O4' 306.113 
9ZQ non-polymer   . 'Ru(phen)2(dppz-11,12-Me2)'          ?                            'C44 H30 N8 Ru 6' 771.833 
BA  non-polymer   . 'BARIUM ION'                         ?                            'Ba 2'            137.327 
DC  'DNA linking' y "2'-DEOXYCYTIDINE-5'-MONOPHOSPHATE"  ?                            'C9 H14 N3 O7 P'  307.197 
DG  'DNA linking' y "2'-DEOXYGUANOSINE-5'-MONOPHOSPHATE" ?                            'C10 H14 N5 O7 P' 347.221 
HOH non-polymer   . WATER                                ?                            'H2 O'            18.015  
# 
loop_
_pdbx_poly_seq_scheme.asym_id 
_pdbx_poly_seq_scheme.entity_id 
_pdbx_poly_seq_scheme.seq_id 
_pdbx_poly_seq_scheme.mon_id 
_pdbx_poly_seq_scheme.ndb_seq_num 
_pdbx_poly_seq_scheme.pdb_seq_num 
_pdbx_poly_seq_scheme.auth_seq_num 
_pdbx_poly_seq_scheme.pdb_mon_id 
_pdbx_poly_seq_scheme.auth_mon_id 
_pdbx_poly_seq_scheme.pdb_strand_id 
_pdbx_poly_seq_scheme.pdb_ins_code 
_pdbx_poly_seq_scheme.hetero 
A 1 1 DG  1 1 1 DG  DG  A . n 
A 1 2 DC  2 2 2 DC  DC  A . n 
A 1 3 DC  3 3 3 DC  DC  A . n 
A 1 4 DG  4 4 4 DG  DG  A . n 
B 2 1 5BT 1 1 1 5BT CBR C . n 
B 2 2 DG  2 2 2 DG  DG  C . n 
B 2 3 DG  3 3 3 DG  DG  C . n 
B 2 4 DC  4 4 4 DC  DC  C . n 
# 
loop_
_pdbx_nonpoly_scheme.asym_id 
_pdbx_nonpoly_scheme.entity_id 
_pdbx_nonpoly_scheme.mon_id 
_pdbx_nonpoly_scheme.ndb_seq_num 
_pdbx_nonpoly_scheme.pdb_seq_num 
_pdbx_nonpoly_scheme.auth_seq_num 
_pdbx_nonpoly_scheme.pdb_mon_id 
_pdbx_nonpoly_scheme.auth_mon_id 
_pdbx_nonpoly_scheme.pdb_strand_id 
_pdbx_nonpoly_scheme.pdb_ins_code 
C 3 BA  1  101 1  BA  BA  A . 
D 4 9ZQ 1  102 1  9ZQ 9ZQ A . 
E 5 HOH 1  201 25 HOH HOH A . 
E 5 HOH 2  202 23 HOH HOH A . 
E 5 HOH 3  203 6  HOH HOH A . 
E 5 HOH 4  204 8  HOH HOH A . 
E 5 HOH 5  205 24 HOH HOH A . 
E 5 HOH 6  206 14 HOH HOH A . 
E 5 HOH 7  207 38 HOH HOH A . 
E 5 HOH 8  208 30 HOH HOH A . 
E 5 HOH 9  209 18 HOH HOH A . 
E 5 HOH 10 210 32 HOH HOH A . 
E 5 HOH 11 211 44 HOH HOH A . 
E 5 HOH 12 212 37 HOH HOH A . 
E 5 HOH 13 213 31 HOH HOH A . 
E 5 HOH 14 214 27 HOH HOH A . 
E 5 HOH 15 215 43 HOH HOH A . 
E 5 HOH 16 216 33 HOH HOH A . 
E 5 HOH 17 217 10 HOH HOH A . 
E 5 HOH 18 218 49 HOH HOH A . 
E 5 HOH 19 219 28 HOH HOH A . 
E 5 HOH 20 220 46 HOH HOH A . 
E 5 HOH 21 221 2  HOH HOH A . 
E 5 HOH 22 222 15 HOH HOH A . 
E 5 HOH 23 223 22 HOH HOH A . 
E 5 HOH 24 224 39 HOH HOH A . 
E 5 HOH 25 225 7  HOH HOH A . 
E 5 HOH 26 226 34 HOH HOH A . 
E 5 HOH 27 227 21 HOH HOH A . 
F 5 HOH 1  101 12 HOH HOH C . 
F 5 HOH 2  102 42 HOH HOH C . 
F 5 HOH 3  103 3  HOH HOH C . 
F 5 HOH 4  104 40 HOH HOH C . 
F 5 HOH 5  105 9  HOH HOH C . 
F 5 HOH 6  106 20 HOH HOH C . 
F 5 HOH 7  107 19 HOH HOH C . 
F 5 HOH 8  108 13 HOH HOH C . 
F 5 HOH 9  109 36 HOH HOH C . 
F 5 HOH 10 110 16 HOH HOH C . 
F 5 HOH 11 111 17 HOH HOH C . 
F 5 HOH 12 112 4  HOH HOH C . 
F 5 HOH 13 113 50 HOH HOH C . 
F 5 HOH 14 114 5  HOH HOH C . 
F 5 HOH 15 115 26 HOH HOH C . 
F 5 HOH 16 116 1  HOH HOH C . 
F 5 HOH 17 117 45 HOH HOH C . 
F 5 HOH 18 118 11 HOH HOH C . 
F 5 HOH 19 119 29 HOH HOH C . 
F 5 HOH 20 120 41 HOH HOH C . 
F 5 HOH 21 121 35 HOH HOH C . 
F 5 HOH 22 122 48 HOH HOH C . 
# 
loop_
_software.citation_id 
_software.classification 
_software.compiler_name 
_software.compiler_version 
_software.contact_author 
_software.contact_author_email 
_software.date 
_software.description 
_software.dependencies 
_software.hardware 
_software.language 
_software.location 
_software.mods 
_software.name 
_software.os 
_software.os_version 
_software.type 
_software.version 
_software.pdbx_ordinal 
? refinement       ? ? ? ? ? ? ? ? ? ? ? REFMAC  ? ? ? 5.8.0135 1 
? 'data reduction' ? ? ? ? ? ? ? ? ? ? ? XDS     ? ? ? .        2 
? 'data scaling'   ? ? ? ? ? ? ? ? ? ? ? Aimless ? ? ? .        3 
? phasing          ? ? ? ? ? ? ? ? ? ? ? SHELXCD ? ? ? .        4 
? 'data reduction' ? ? ? ? ? ? ? ? ? ? ? xia2    ? ? ? .        5 
# 
_cell.angle_alpha                  90.00 
_cell.angle_alpha_esd              ? 
_cell.angle_beta                   90.00 
_cell.angle_beta_esd               ? 
_cell.angle_gamma                  120.00 
_cell.angle_gamma_esd              ? 
_cell.entry_id                     5LFX 
_cell.details                      ? 
_cell.formula_units_Z              ? 
_cell.length_a                     67.720 
_cell.length_a_esd                 ? 
_cell.length_b                     67.720 
_cell.length_b_esd                 ? 
_cell.length_c                     35.850 
_cell.length_c_esd                 ? 
_cell.volume                       ? 
_cell.volume_esd                   ? 
_cell.Z_PDB                        12 
_cell.reciprocal_angle_alpha       ? 
_cell.reciprocal_angle_beta        ? 
_cell.reciprocal_angle_gamma       ? 
_cell.reciprocal_angle_alpha_esd   ? 
_cell.reciprocal_angle_beta_esd    ? 
_cell.reciprocal_angle_gamma_esd   ? 
_cell.reciprocal_length_a          ? 
_cell.reciprocal_length_b          ? 
_cell.reciprocal_length_c          ? 
_cell.reciprocal_length_a_esd      ? 
_cell.reciprocal_length_b_esd      ? 
_cell.reciprocal_length_c_esd      ? 
_cell.pdbx_unique_axis             ? 
# 
_symmetry.entry_id                         5LFX 
_symmetry.cell_setting                     ? 
_symmetry.Int_Tables_number                181 
_symmetry.space_group_name_Hall            ? 
_symmetry.space_group_name_H-M             'P 64 2 2' 
_symmetry.pdbx_full_space_group_name_H-M   ? 
# 
_exptl.absorpt_coefficient_mu     ? 
_exptl.absorpt_correction_T_max   ? 
_exptl.absorpt_correction_T_min   ? 
_exptl.absorpt_correction_type    ? 
_exptl.absorpt_process_details    ? 
_exptl.entry_id                   5LFX 
_exptl.crystals_number            1 
_exptl.details                    ? 
_exptl.method                     'X-RAY DIFFRACTION' 
_exptl.method_details             ? 
# 
_exptl_crystal.colour                      ? 
_exptl_crystal.density_diffrn              ? 
_exptl_crystal.density_Matthews            4.98 
_exptl_crystal.density_method              ? 
_exptl_crystal.density_percent_sol         75.30 
_exptl_crystal.description                 ? 
_exptl_crystal.F_000                       ? 
_exptl_crystal.id                          1 
_exptl_crystal.preparation                 ? 
_exptl_crystal.size_max                    ? 
_exptl_crystal.size_mid                    ? 
_exptl_crystal.size_min                    ? 
_exptl_crystal.size_rad                    ? 
_exptl_crystal.colour_lustre               ? 
_exptl_crystal.colour_modifier             ? 
_exptl_crystal.colour_primary              ? 
_exptl_crystal.density_meas                ? 
_exptl_crystal.density_meas_esd            ? 
_exptl_crystal.density_meas_gt             ? 
_exptl_crystal.density_meas_lt             ? 
_exptl_crystal.density_meas_temp           ? 
_exptl_crystal.density_meas_temp_esd       ? 
_exptl_crystal.density_meas_temp_gt        ? 
_exptl_crystal.density_meas_temp_lt        ? 
_exptl_crystal.pdbx_crystal_image_url      ? 
_exptl_crystal.pdbx_crystal_image_format   ? 
_exptl_crystal.pdbx_mosaicity              ? 
_exptl_crystal.pdbx_mosaicity_esd          ? 
# 
_exptl_crystal_grow.apparatus       ? 
_exptl_crystal_grow.atmosphere      ? 
_exptl_crystal_grow.crystal_id      1 
_exptl_crystal_grow.details         ? 
_exptl_crystal_grow.method          'VAPOR DIFFUSION, SITTING DROP' 
_exptl_crystal_grow.method_ref      ? 
_exptl_crystal_grow.pH              7 
_exptl_crystal_grow.pressure        ? 
_exptl_crystal_grow.pressure_esd    ? 
_exptl_crystal_grow.seeding         ? 
_exptl_crystal_grow.seeding_ref     ? 
_exptl_crystal_grow.temp            291 
_exptl_crystal_grow.temp_details    ? 
_exptl_crystal_grow.temp_esd        ? 
_exptl_crystal_grow.time            ? 
_exptl_crystal_grow.pdbx_details    
;1ul 2mM DNA (single stranded), 1uL 4mM rac-[Ru(phen)2(dppz-11,12-Me)]2+, 6uL of 10% 2-methyl-2,4-pentanediol, 40mM sodium cacodylate, 12mM spermine, 80mM KCl, 20mM BaCl2. Equilibrated against 1ml 2-methyl-2,4-pentanediol, pH 7
;
_exptl_crystal_grow.pdbx_pH_range   ? 
# 
_diffrn.ambient_environment    ? 
_diffrn.ambient_temp           100 
_diffrn.ambient_temp_details   ? 
_diffrn.ambient_temp_esd       ? 
_diffrn.crystal_id             1 
_diffrn.crystal_support        ? 
_diffrn.crystal_treatment      ? 
_diffrn.details                ? 
_diffrn.id                     1 
_diffrn.ambient_pressure       ? 
_diffrn.ambient_pressure_esd   ? 
_diffrn.ambient_pressure_gt    ? 
_diffrn.ambient_pressure_lt    ? 
_diffrn.ambient_temp_gt        ? 
_diffrn.ambient_temp_lt        ? 
# 
_diffrn_detector.details                      ? 
_diffrn_detector.detector                     PIXEL 
_diffrn_detector.diffrn_id                    1 
_diffrn_detector.type                         'DECTRIS PILATUS 6M-F' 
_diffrn_detector.area_resol_mean              ? 
_diffrn_detector.dtime                        ? 
_diffrn_detector.pdbx_frames_total            ? 
_diffrn_detector.pdbx_collection_time_total   ? 
_diffrn_detector.pdbx_collection_date         2014-02-17 
# 
_diffrn_radiation.collimation                      ? 
_diffrn_radiation.diffrn_id                        1 
_diffrn_radiation.filter_edge                      ? 
_diffrn_radiation.inhomogeneity                    ? 
_diffrn_radiation.monochromator                    ? 
_diffrn_radiation.polarisn_norm                    ? 
_diffrn_radiation.polarisn_ratio                   ? 
_diffrn_radiation.probe                            ? 
_diffrn_radiation.type                             ? 
_diffrn_radiation.xray_symbol                      ? 
_diffrn_radiation.wavelength_id                    1 
_diffrn_radiation.pdbx_monochromatic_or_laue_m_l   M 
_diffrn_radiation.pdbx_wavelength_list             ? 
_diffrn_radiation.pdbx_wavelength                  ? 
_diffrn_radiation.pdbx_diffrn_protocol             'SINGLE WAVELENGTH' 
_diffrn_radiation.pdbx_analyzer                    ? 
_diffrn_radiation.pdbx_scattering_type             x-ray 
# 
_diffrn_radiation_wavelength.id           1 
_diffrn_radiation_wavelength.wavelength   0.8266 
_diffrn_radiation_wavelength.wt           1.0 
# 
_diffrn_source.current                     ? 
_diffrn_source.details                     ? 
_diffrn_source.diffrn_id                   1 
_diffrn_source.power                       ? 
_diffrn_source.size                        ? 
_diffrn_source.source                      SYNCHROTRON 
_diffrn_source.target                      ? 
_diffrn_source.type                        'DIAMOND BEAMLINE I02' 
_diffrn_source.voltage                     ? 
_diffrn_source.take-off_angle              ? 
_diffrn_source.pdbx_wavelength_list        0.8266 
_diffrn_source.pdbx_wavelength             ? 
_diffrn_source.pdbx_synchrotron_beamline   I02 
_diffrn_source.pdbx_synchrotron_site       Diamond 
# 
_reflns.B_iso_Wilson_estimate            ? 
_reflns.entry_id                         5LFX 
_reflns.data_reduction_details           ? 
_reflns.data_reduction_method            ? 
_reflns.d_resolution_high                1.56 
_reflns.d_resolution_low                 35.85 
_reflns.details                          ? 
_reflns.limit_h_max                      ? 
_reflns.limit_h_min                      ? 
_reflns.limit_k_max                      ? 
_reflns.limit_k_min                      ? 
_reflns.limit_l_max                      ? 
_reflns.limit_l_min                      ? 
_reflns.number_all                       ? 
_reflns.number_obs                       7169 
_reflns.observed_criterion               ? 
_reflns.observed_criterion_F_max         ? 
_reflns.observed_criterion_F_min         ? 
_reflns.observed_criterion_I_max         ? 
_reflns.observed_criterion_I_min         ? 
_reflns.observed_criterion_sigma_F       -3 
_reflns.observed_criterion_sigma_I       ? 
_reflns.percent_possible_obs             98.2 
_reflns.R_free_details                   ? 
_reflns.Rmerge_F_all                     ? 
_reflns.Rmerge_F_obs                     ? 
_reflns.Friedel_coverage                 ? 
_reflns.number_gt                        ? 
_reflns.threshold_expression             ? 
_reflns.pdbx_redundancy                  9.2 
_reflns.pdbx_Rmerge_I_obs                0.061 
_reflns.pdbx_Rmerge_I_all                ? 
_reflns.pdbx_Rsym_value                  ? 
_reflns.pdbx_netI_over_av_sigmaI         ? 
_reflns.pdbx_netI_over_sigmaI            16.8 
_reflns.pdbx_res_netI_over_av_sigmaI_2   ? 
_reflns.pdbx_res_netI_over_sigmaI_2      ? 
_reflns.pdbx_chi_squared                 ? 
_reflns.pdbx_scaling_rejects             ? 
_reflns.pdbx_d_res_high_opt              ? 
_reflns.pdbx_d_res_low_opt               ? 
_reflns.pdbx_d_res_opt_method            ? 
_reflns.phase_calculation_details        ? 
_reflns.pdbx_Rrim_I_all                  ? 
_reflns.pdbx_Rpim_I_all                  ? 
_reflns.pdbx_d_opt                       ? 
_reflns.pdbx_number_measured_all         ? 
_reflns.pdbx_diffrn_id                   1 
_reflns.pdbx_ordinal                     1 
_reflns.pdbx_CC_half                     0.99 
_reflns.pdbx_R_split                     ? 
# 
_reflns_shell.d_res_high                  1.56 
_reflns_shell.d_res_low                   1.60 
_reflns_shell.meanI_over_sigI_all         ? 
_reflns_shell.meanI_over_sigI_obs         2.3 
_reflns_shell.number_measured_all         ? 
_reflns_shell.number_measured_obs         ? 
_reflns_shell.number_possible             ? 
_reflns_shell.number_unique_all           ? 
_reflns_shell.number_unique_obs           ? 
_reflns_shell.percent_possible_all        98.6 
_reflns_shell.percent_possible_obs        ? 
_reflns_shell.Rmerge_F_all                ? 
_reflns_shell.Rmerge_F_obs                ? 
_reflns_shell.Rmerge_I_all                ? 
_reflns_shell.Rmerge_I_obs                0.984 
_reflns_shell.meanI_over_sigI_gt          ? 
_reflns_shell.meanI_over_uI_all           ? 
_reflns_shell.meanI_over_uI_gt            ? 
_reflns_shell.number_measured_gt          ? 
_reflns_shell.number_unique_gt            ? 
_reflns_shell.percent_possible_gt         ? 
_reflns_shell.Rmerge_F_gt                 ? 
_reflns_shell.Rmerge_I_gt                 ? 
_reflns_shell.pdbx_redundancy             9.6 
_reflns_shell.pdbx_Rsym_value             ? 
_reflns_shell.pdbx_chi_squared            ? 
_reflns_shell.pdbx_netI_over_sigmaI_all   ? 
_reflns_shell.pdbx_netI_over_sigmaI_obs   ? 
_reflns_shell.pdbx_Rrim_I_all             ? 
_reflns_shell.pdbx_Rpim_I_all             ? 
_reflns_shell.pdbx_rejects                ? 
_reflns_shell.pdbx_ordinal                1 
_reflns_shell.pdbx_diffrn_id              1 
_reflns_shell.pdbx_CC_half                0.883 
_reflns_shell.pdbx_R_split                ? 
# 
_refine.aniso_B[1][1]                            -1.30 
_refine.aniso_B[1][2]                            -0.65 
_refine.aniso_B[1][3]                            -0.00 
_refine.aniso_B[2][2]                            -1.30 
_refine.aniso_B[2][3]                            0.00 
_refine.aniso_B[3][3]                            4.22 
_refine.B_iso_max                                ? 
_refine.B_iso_mean                               29.488 
_refine.B_iso_min                                ? 
_refine.correlation_coeff_Fo_to_Fc               0.985 
_refine.correlation_coeff_Fo_to_Fc_free          0.974 
_refine.details                                  'HYDROGENS HAVE BEEN ADDED IN THE RIDING POSITIONS' 
_refine.diff_density_max                         ? 
_refine.diff_density_max_esd                     ? 
_refine.diff_density_min                         ? 
_refine.diff_density_min_esd                     ? 
_refine.diff_density_rms                         ? 
_refine.diff_density_rms_esd                     ? 
_refine.entry_id                                 5LFX 
_refine.pdbx_refine_id                           'X-RAY DIFFRACTION' 
_refine.ls_abs_structure_details                 ? 
_refine.ls_abs_structure_Flack                   ? 
_refine.ls_abs_structure_Flack_esd               ? 
_refine.ls_abs_structure_Rogers                  ? 
_refine.ls_abs_structure_Rogers_esd              ? 
_refine.ls_d_res_high                            1.56 
_refine.ls_d_res_low                             35.85 
_refine.ls_extinction_coef                       ? 
_refine.ls_extinction_coef_esd                   ? 
_refine.ls_extinction_expression                 ? 
_refine.ls_extinction_method                     ? 
_refine.ls_goodness_of_fit_all                   ? 
_refine.ls_goodness_of_fit_all_esd               ? 
_refine.ls_goodness_of_fit_obs                   ? 
_refine.ls_goodness_of_fit_obs_esd               ? 
_refine.ls_hydrogen_treatment                    ? 
_refine.ls_matrix_type                           ? 
_refine.ls_number_constraints                    ? 
_refine.ls_number_parameters                     ? 
_refine.ls_number_reflns_all                     ? 
_refine.ls_number_reflns_obs                     6787 
_refine.ls_number_reflns_R_free                  367 
_refine.ls_number_reflns_R_work                  ? 
_refine.ls_number_restraints                     ? 
_refine.ls_percent_reflns_obs                    98.09 
_refine.ls_percent_reflns_R_free                 5.1 
_refine.ls_R_factor_all                          ? 
_refine.ls_R_factor_obs                          0.14621 
_refine.ls_R_factor_R_free                       0.19160 
_refine.ls_R_factor_R_free_error                 ? 
_refine.ls_R_factor_R_free_error_details         ? 
_refine.ls_R_factor_R_work                       0.14386 
_refine.ls_R_Fsqd_factor_obs                     ? 
_refine.ls_R_I_factor_obs                        ? 
_refine.ls_redundancy_reflns_all                 ? 
_refine.ls_redundancy_reflns_obs                 ? 
_refine.ls_restrained_S_all                      ? 
_refine.ls_restrained_S_obs                      ? 
_refine.ls_shift_over_esd_max                    ? 
_refine.ls_shift_over_esd_mean                   ? 
_refine.ls_structure_factor_coef                 ? 
_refine.ls_weighting_details                     ? 
_refine.ls_weighting_scheme                      ? 
_refine.ls_wR_factor_all                         ? 
_refine.ls_wR_factor_obs                         ? 
_refine.ls_wR_factor_R_free                      ? 
_refine.ls_wR_factor_R_work                      ? 
_refine.occupancy_max                            ? 
_refine.occupancy_min                            ? 
_refine.solvent_model_details                    ? 
_refine.solvent_model_param_bsol                 ? 
_refine.solvent_model_param_ksol                 ? 
_refine.ls_R_factor_gt                           ? 
_refine.ls_goodness_of_fit_gt                    ? 
_refine.ls_goodness_of_fit_ref                   ? 
_refine.ls_shift_over_su_max                     ? 
_refine.ls_shift_over_su_max_lt                  ? 
_refine.ls_shift_over_su_mean                    ? 
_refine.ls_shift_over_su_mean_lt                 ? 
_refine.pdbx_ls_sigma_I                          ? 
_refine.pdbx_ls_sigma_F                          ? 
_refine.pdbx_ls_sigma_Fsqd                       ? 
_refine.pdbx_data_cutoff_high_absF               ? 
_refine.pdbx_data_cutoff_high_rms_absF           ? 
_refine.pdbx_data_cutoff_low_absF                ? 
_refine.pdbx_isotropic_thermal_model             ? 
_refine.pdbx_ls_cross_valid_method               THROUGHOUT 
_refine.pdbx_method_to_determine_struct          SAD 
_refine.pdbx_starting_model                      ? 
_refine.pdbx_stereochemistry_target_values       ? 
_refine.pdbx_R_Free_selection_details            RANDOM 
_refine.pdbx_stereochem_target_val_spec_case     ? 
_refine.pdbx_overall_ESU_R                       0.056 
_refine.pdbx_overall_ESU_R_Free                  0.060 
_refine.pdbx_solvent_vdw_probe_radii             1.20 
_refine.pdbx_solvent_ion_probe_radii             0.80 
_refine.pdbx_solvent_shrinkage_radii             0.80 
_refine.pdbx_real_space_R                        ? 
_refine.pdbx_density_correlation                 ? 
_refine.pdbx_pd_number_of_powder_patterns        ? 
_refine.pdbx_pd_number_of_points                 ? 
_refine.pdbx_pd_meas_number_of_points            ? 
_refine.pdbx_pd_proc_ls_prof_R_factor            ? 
_refine.pdbx_pd_proc_ls_prof_wR_factor           ? 
_refine.pdbx_pd_Marquardt_correlation_coeff      ? 
_refine.pdbx_pd_Fsqrd_R_factor                   ? 
_refine.pdbx_pd_ls_matrix_band_width             ? 
_refine.pdbx_overall_phase_error                 ? 
_refine.pdbx_overall_SU_R_free_Cruickshank_DPI   ? 
_refine.pdbx_overall_SU_R_free_Blow_DPI          ? 
_refine.pdbx_overall_SU_R_Blow_DPI               ? 
_refine.pdbx_TLS_residual_ADP_flag               ? 
_refine.pdbx_diffrn_id                           1 
_refine.overall_SU_B                             4.191 
_refine.overall_SU_ML                            0.057 
_refine.overall_SU_R_Cruickshank_DPI             ? 
_refine.overall_SU_R_free                        ? 
_refine.overall_FOM_free_R_set                   ? 
_refine.overall_FOM_work_R_set                   ? 
_refine.pdbx_average_fsc_overall                 ? 
_refine.pdbx_average_fsc_work                    ? 
_refine.pdbx_average_fsc_free                    ? 
# 
_refine_hist.pdbx_refine_id                   'X-RAY DIFFRACTION' 
_refine_hist.cycle_id                         1 
_refine_hist.pdbx_number_atoms_protein        0 
_refine_hist.pdbx_number_atoms_nucleic_acid   159 
_refine_hist.pdbx_number_atoms_ligand         54 
_refine_hist.number_atoms_solvent             49 
_refine_hist.number_atoms_total               262 
_refine_hist.d_res_high                       1.56 
_refine_hist.d_res_low                        35.85 
# 
loop_
_refine_ls_restr.pdbx_refine_id 
_refine_ls_restr.criterion 
_refine_ls_restr.dev_ideal 
_refine_ls_restr.dev_ideal_target 
_refine_ls_restr.number 
_refine_ls_restr.rejects 
_refine_ls_restr.type 
_refine_ls_restr.weight 
_refine_ls_restr.pdbx_restraint_function 
'X-RAY DIFFRACTION' ? 0.027  0.014  243 ? r_bond_refined_d             ? ? 
'X-RAY DIFFRACTION' ? 0.004  0.020  119 ? r_bond_other_d               ? ? 
'X-RAY DIFFRACTION' ? 2.750  1.813  383 ? r_angle_refined_deg          ? ? 
'X-RAY DIFFRACTION' ? 1.537  3.000  268 ? r_angle_other_deg            ? ? 
'X-RAY DIFFRACTION' ? ?      ?      ?   ? r_dihedral_angle_1_deg       ? ? 
'X-RAY DIFFRACTION' ? ?      ?      ?   ? r_dihedral_angle_2_deg       ? ? 
'X-RAY DIFFRACTION' ? ?      ?      ?   ? r_dihedral_angle_3_deg       ? ? 
'X-RAY DIFFRACTION' ? ?      ?      ?   ? r_dihedral_angle_4_deg       ? ? 
'X-RAY DIFFRACTION' ? 0.070  0.200  24  ? r_chiral_restr               ? ? 
'X-RAY DIFFRACTION' ? 0.027  0.020  152 ? r_gen_planes_refined         ? ? 
'X-RAY DIFFRACTION' ? 0.005  0.020  67  ? r_gen_planes_other           ? ? 
'X-RAY DIFFRACTION' ? ?      ?      ?   ? r_nbd_refined                ? ? 
'X-RAY DIFFRACTION' ? ?      ?      ?   ? r_nbd_other                  ? ? 
'X-RAY DIFFRACTION' ? ?      ?      ?   ? r_nbtor_refined              ? ? 
'X-RAY DIFFRACTION' ? ?      ?      ?   ? r_nbtor_other                ? ? 
'X-RAY DIFFRACTION' ? ?      ?      ?   ? r_xyhbond_nbd_refined        ? ? 
'X-RAY DIFFRACTION' ? ?      ?      ?   ? r_xyhbond_nbd_other          ? ? 
'X-RAY DIFFRACTION' ? ?      ?      ?   ? r_metal_ion_refined          ? ? 
'X-RAY DIFFRACTION' ? ?      ?      ?   ? r_metal_ion_other            ? ? 
'X-RAY DIFFRACTION' ? ?      ?      ?   ? r_symmetry_vdw_refined       ? ? 
'X-RAY DIFFRACTION' ? ?      ?      ?   ? r_symmetry_vdw_other         ? ? 
'X-RAY DIFFRACTION' ? ?      ?      ?   ? r_symmetry_hbond_refined     ? ? 
'X-RAY DIFFRACTION' ? ?      ?      ?   ? r_symmetry_hbond_other       ? ? 
'X-RAY DIFFRACTION' ? ?      ?      ?   ? r_symmetry_metal_ion_refined ? ? 
'X-RAY DIFFRACTION' ? ?      ?      ?   ? r_symmetry_metal_ion_other   ? ? 
'X-RAY DIFFRACTION' ? ?      ?      ?   ? r_mcbond_it                  ? ? 
'X-RAY DIFFRACTION' ? ?      ?      ?   ? r_mcbond_other               ? ? 
'X-RAY DIFFRACTION' ? ?      ?      ?   ? r_mcangle_it                 ? ? 
'X-RAY DIFFRACTION' ? ?      ?      ?   ? r_mcangle_other              ? ? 
'X-RAY DIFFRACTION' ? 3.296  2.667  243 ? r_scbond_it                  ? ? 
'X-RAY DIFFRACTION' ? 3.290  ?      244 ? r_scbond_other               ? ? 
'X-RAY DIFFRACTION' ? ?      ?      ?   ? r_scangle_it                 ? ? 
'X-RAY DIFFRACTION' ? 4.201  3.986  384 ? r_scangle_other              ? ? 
'X-RAY DIFFRACTION' ? 4.080  32.101 647 ? r_long_range_B_refined       ? ? 
'X-RAY DIFFRACTION' ? 4.037  32.626 631 ? r_long_range_B_other         ? ? 
'X-RAY DIFFRACTION' ? 3.237  3.000  243 ? r_rigid_bond_restr           ? ? 
'X-RAY DIFFRACTION' ? 33.076 5.000  14  ? r_sphericity_free            ? ? 
'X-RAY DIFFRACTION' ? 18.862 5.000  248 ? r_sphericity_bonded          ? ? 
# 
_refine_ls_shell.pdbx_refine_id                   'X-RAY DIFFRACTION' 
_refine_ls_shell.d_res_high                       1.560 
_refine_ls_shell.d_res_low                        1.601 
_refine_ls_shell.number_reflns_all                ? 
_refine_ls_shell.number_reflns_obs                ? 
_refine_ls_shell.number_reflns_R_free             26 
_refine_ls_shell.number_reflns_R_work             480 
_refine_ls_shell.percent_reflns_obs               98.64 
_refine_ls_shell.percent_reflns_R_free            ? 
_refine_ls_shell.R_factor_all                     ? 
_refine_ls_shell.R_factor_obs                     ? 
_refine_ls_shell.R_factor_R_free                  0.445 
_refine_ls_shell.R_factor_R_free_error            ? 
_refine_ls_shell.R_factor_R_work                  0.291 
_refine_ls_shell.redundancy_reflns_all            ? 
_refine_ls_shell.redundancy_reflns_obs            ? 
_refine_ls_shell.wR_factor_all                    ? 
_refine_ls_shell.wR_factor_obs                    ? 
_refine_ls_shell.wR_factor_R_free                 ? 
_refine_ls_shell.wR_factor_R_work                 ? 
_refine_ls_shell.pdbx_total_number_of_bins_used   20 
_refine_ls_shell.pdbx_phase_error                 ? 
_refine_ls_shell.pdbx_fsc_work                    ? 
_refine_ls_shell.pdbx_fsc_free                    ? 
# 
_struct.entry_id                     5LFX 
_struct.title                        'Lambda-[Ru(phen)2(dppz-11,12-Me)]2+ bound to a short substituted DNA sequence' 
_struct.pdbx_model_details           ? 
_struct.pdbx_formula_weight          ? 
_struct.pdbx_formula_weight_method   ? 
_struct.pdbx_model_type_details      ? 
_struct.pdbx_CASP_flag               N 
# 
_struct_keywords.entry_id        5LFX 
_struct_keywords.text            'DNA, Ruthenium, light-switch, intercalation' 
_struct_keywords.pdbx_keywords   DNA 
# 
loop_
_struct_asym.id 
_struct_asym.pdbx_blank_PDB_chainid_flag 
_struct_asym.pdbx_modified 
_struct_asym.entity_id 
_struct_asym.details 
A N N 1 ? 
B N N 2 ? 
C N N 3 ? 
D N N 4 ? 
E N N 5 ? 
F N N 5 ? 
# 
loop_
_struct_ref.id 
_struct_ref.db_name 
_struct_ref.db_code 
_struct_ref.pdbx_db_accession 
_struct_ref.pdbx_db_isoform 
_struct_ref.entity_id 
_struct_ref.pdbx_seq_one_letter_code 
_struct_ref.pdbx_align_begin 
1 PDB 5LFX 5LFX ? 1 ? 1 
2 PDB 5LFX 5LFX ? 2 ? 1 
# 
loop_
_struct_ref_seq.align_id 
_struct_ref_seq.ref_id 
_struct_ref_seq.pdbx_PDB_id_code 
_struct_ref_seq.pdbx_strand_id 
_struct_ref_seq.seq_align_beg 
_struct_ref_seq.pdbx_seq_align_beg_ins_code 
_struct_ref_seq.seq_align_end 
_struct_ref_seq.pdbx_seq_align_end_ins_code 
_struct_ref_seq.pdbx_db_accession 
_struct_ref_seq.db_align_beg 
_struct_ref_seq.pdbx_db_align_beg_ins_code 
_struct_ref_seq.db_align_end 
_struct_ref_seq.pdbx_db_align_end_ins_code 
_struct_ref_seq.pdbx_auth_seq_align_beg 
_struct_ref_seq.pdbx_auth_seq_align_end 
1 1 5LFX A 1 ? 4 ? 5LFX 1 ? 4 ? 1 4 
2 2 5LFX C 1 ? 4 ? 5LFX 1 ? 4 ? 1 4 
# 
_pdbx_struct_assembly.id                   1 
_pdbx_struct_assembly.details              software_defined_assembly 
_pdbx_struct_assembly.method_details       PISA 
_pdbx_struct_assembly.oligomeric_details   dimeric 
_pdbx_struct_assembly.oligomeric_count     2 
# 
loop_
_pdbx_struct_assembly_prop.biol_id 
_pdbx_struct_assembly_prop.type 
_pdbx_struct_assembly_prop.value 
_pdbx_struct_assembly_prop.details 
1 'ABSA (A^2)' 850  ? 
1 MORE         -10  ? 
1 'SSA (A^2)'  2050 ? 
# 
_pdbx_struct_assembly_gen.assembly_id       1 
_pdbx_struct_assembly_gen.oper_expression   1 
_pdbx_struct_assembly_gen.asym_id_list      A,B,C,D,E,F 
# 
_pdbx_struct_oper_list.id                   1 
_pdbx_struct_oper_list.type                 'identity operation' 
_pdbx_struct_oper_list.name                 1_555 
_pdbx_struct_oper_list.symmetry_operation   x,y,z 
_pdbx_struct_oper_list.matrix[1][1]         1.0000000000 
_pdbx_struct_oper_list.matrix[1][2]         0.0000000000 
_pdbx_struct_oper_list.matrix[1][3]         0.0000000000 
_pdbx_struct_oper_list.vector[1]            0.0000000000 
_pdbx_struct_oper_list.matrix[2][1]         0.0000000000 
_pdbx_struct_oper_list.matrix[2][2]         1.0000000000 
_pdbx_struct_oper_list.matrix[2][3]         0.0000000000 
_pdbx_struct_oper_list.vector[2]            0.0000000000 
_pdbx_struct_oper_list.matrix[3][1]         0.0000000000 
_pdbx_struct_oper_list.matrix[3][2]         0.0000000000 
_pdbx_struct_oper_list.matrix[3][3]         1.0000000000 
_pdbx_struct_oper_list.vector[3]            0.0000000000 
# 
loop_
_struct_conn.id 
_struct_conn.conn_type_id 
_struct_conn.pdbx_leaving_atom_flag 
_struct_conn.pdbx_PDB_id 
_struct_conn.ptnr1_label_asym_id 
_struct_conn.ptnr1_label_comp_id 
_struct_conn.ptnr1_label_seq_id 
_struct_conn.ptnr1_label_atom_id 
_struct_conn.pdbx_ptnr1_label_alt_id 
_struct_conn.pdbx_ptnr1_PDB_ins_code 
_struct_conn.pdbx_ptnr1_standard_comp_id 
_struct_conn.ptnr1_symmetry 
_struct_conn.ptnr2_label_asym_id 
_struct_conn.ptnr2_label_comp_id 
_struct_conn.ptnr2_label_seq_id 
_struct_conn.ptnr2_label_atom_id 
_struct_conn.pdbx_ptnr2_label_alt_id 
_struct_conn.pdbx_ptnr2_PDB_ins_code 
_struct_conn.ptnr1_auth_asym_id 
_struct_conn.ptnr1_auth_comp_id 
_struct_conn.ptnr1_auth_seq_id 
_struct_conn.ptnr2_auth_asym_id 
_struct_conn.ptnr2_auth_comp_id 
_struct_conn.ptnr2_auth_seq_id 
_struct_conn.ptnr2_symmetry 
_struct_conn.pdbx_ptnr3_label_atom_id 
_struct_conn.pdbx_ptnr3_label_seq_id 
_struct_conn.pdbx_ptnr3_label_comp_id 
_struct_conn.pdbx_ptnr3_label_asym_id 
_struct_conn.pdbx_ptnr3_label_alt_id 
_struct_conn.pdbx_ptnr3_PDB_ins_code 
_struct_conn.details 
_struct_conn.pdbx_dist_value 
_struct_conn.pdbx_value_order 
_struct_conn.pdbx_role 
covale1 covale one ? B 5BT 1 "O3'" ? ? ? 1_555 B DG  2 P  ? ? C 5BT 1   C DG  2   1_555 ? ? ? ? ? ? ?            1.590 ? ? 
metalc1 metalc ?   ? A DG  1 O6    ? ? ? 1_555 C BA  . BA ? ? A DG  1   A BA  101 1_555 ? ? ? ? ? ? ?            2.857 ? ? 
metalc2 metalc ?   ? C BA  . BA    ? ? ? 1_555 E HOH . O  ? ? A BA  101 A HOH 208 1_555 ? ? ? ? ? ? ?            2.665 ? ? 
metalc3 metalc ?   ? C BA  . BA    ? ? ? 1_555 E HOH . O  ? ? A BA  101 A HOH 214 1_555 ? ? ? ? ? ? ?            3.364 ? ? 
metalc4 metalc ?   ? C BA  . BA    ? ? ? 1_555 F HOH . O  ? ? A BA  101 C HOH 107 1_555 ? ? ? ? ? ? ?            3.194 ? ? 
hydrog1 hydrog ?   ? A DG  1 N1    ? ? ? 1_555 B DC  4 N3 ? ? A DG  1   C DC  4   1_555 ? ? ? ? ? ? WATSON-CRICK ?     ? ? 
hydrog2 hydrog ?   ? A DG  1 N2    ? ? ? 1_555 B DC  4 O2 ? ? A DG  1   C DC  4   1_555 ? ? ? ? ? ? WATSON-CRICK ?     ? ? 
hydrog3 hydrog ?   ? A DG  1 O6    ? ? ? 1_555 B DC  4 N4 ? ? A DG  1   C DC  4   1_555 ? ? ? ? ? ? WATSON-CRICK ?     ? ? 
hydrog4 hydrog ?   ? A DC  2 N3    ? ? ? 1_555 B DG  3 N1 ? ? A DC  2   C DG  3   1_555 ? ? ? ? ? ? WATSON-CRICK ?     ? ? 
hydrog5 hydrog ?   ? A DC  2 N4    ? ? ? 1_555 B DG  3 O6 ? ? A DC  2   C DG  3   1_555 ? ? ? ? ? ? WATSON-CRICK ?     ? ? 
hydrog6 hydrog ?   ? A DC  2 O2    ? ? ? 1_555 B DG  3 N2 ? ? A DC  2   C DG  3   1_555 ? ? ? ? ? ? WATSON-CRICK ?     ? ? 
hydrog7 hydrog ?   ? A DC  3 N3    ? ? ? 1_555 B DG  2 N1 ? ? A DC  3   C DG  2   1_555 ? ? ? ? ? ? WATSON-CRICK ?     ? ? 
hydrog8 hydrog ?   ? A DC  3 N4    ? ? ? 1_555 B DG  2 O6 ? ? A DC  3   C DG  2   1_555 ? ? ? ? ? ? WATSON-CRICK ?     ? ? 
hydrog9 hydrog ?   ? A DC  3 O2    ? ? ? 1_555 B DG  2 N2 ? ? A DC  3   C DG  2   1_555 ? ? ? ? ? ? WATSON-CRICK ?     ? ? 
# 
loop_
_struct_conn_type.id 
_struct_conn_type.criteria 
_struct_conn_type.reference 
covale ? ? 
metalc ? ? 
hydrog ? ? 
# 
loop_
_pdbx_struct_conn_angle.id 
_pdbx_struct_conn_angle.ptnr1_label_atom_id 
_pdbx_struct_conn_angle.ptnr1_label_alt_id 
_pdbx_struct_conn_angle.ptnr1_label_asym_id 
_pdbx_struct_conn_angle.ptnr1_label_comp_id 
_pdbx_struct_conn_angle.ptnr1_label_seq_id 
_pdbx_struct_conn_angle.ptnr1_auth_atom_id 
_pdbx_struct_conn_angle.ptnr1_auth_asym_id 
_pdbx_struct_conn_angle.ptnr1_auth_comp_id 
_pdbx_struct_conn_angle.ptnr1_auth_seq_id 
_pdbx_struct_conn_angle.ptnr1_PDB_ins_code 
_pdbx_struct_conn_angle.ptnr1_symmetry 
_pdbx_struct_conn_angle.ptnr2_label_atom_id 
_pdbx_struct_conn_angle.ptnr2_label_alt_id 
_pdbx_struct_conn_angle.ptnr2_label_asym_id 
_pdbx_struct_conn_angle.ptnr2_label_comp_id 
_pdbx_struct_conn_angle.ptnr2_label_seq_id 
_pdbx_struct_conn_angle.ptnr2_auth_atom_id 
_pdbx_struct_conn_angle.ptnr2_auth_asym_id 
_pdbx_struct_conn_angle.ptnr2_auth_comp_id 
_pdbx_struct_conn_angle.ptnr2_auth_seq_id 
_pdbx_struct_conn_angle.ptnr2_PDB_ins_code 
_pdbx_struct_conn_angle.ptnr2_symmetry 
_pdbx_struct_conn_angle.ptnr3_label_atom_id 
_pdbx_struct_conn_angle.ptnr3_label_alt_id 
_pdbx_struct_conn_angle.ptnr3_label_asym_id 
_pdbx_struct_conn_angle.ptnr3_label_comp_id 
_pdbx_struct_conn_angle.ptnr3_label_seq_id 
_pdbx_struct_conn_angle.ptnr3_auth_atom_id 
_pdbx_struct_conn_angle.ptnr3_auth_asym_id 
_pdbx_struct_conn_angle.ptnr3_auth_comp_id 
_pdbx_struct_conn_angle.ptnr3_auth_seq_id 
_pdbx_struct_conn_angle.ptnr3_PDB_ins_code 
_pdbx_struct_conn_angle.ptnr3_symmetry 
_pdbx_struct_conn_angle.value 
_pdbx_struct_conn_angle.value_esd 
1 O6 ? A DG  1 ? A DG  1   ? 1_555 BA ? C BA . ? A BA 101 ? 1_555 O ? E HOH . ? A HOH 208 ? 1_555 117.4 ? 
2 O6 ? A DG  1 ? A DG  1   ? 1_555 BA ? C BA . ? A BA 101 ? 1_555 O ? E HOH . ? A HOH 214 ? 1_555 99.8  ? 
3 O  ? E HOH . ? A HOH 208 ? 1_555 BA ? C BA . ? A BA 101 ? 1_555 O ? E HOH . ? A HOH 214 ? 1_555 85.7  ? 
4 O6 ? A DG  1 ? A DG  1   ? 1_555 BA ? C BA . ? A BA 101 ? 1_555 O ? F HOH . ? C HOH 107 ? 1_555 67.2  ? 
5 O  ? E HOH . ? A HOH 208 ? 1_555 BA ? C BA . ? A BA 101 ? 1_555 O ? F HOH . ? C HOH 107 ? 1_555 97.8  ? 
6 O  ? E HOH . ? A HOH 214 ? 1_555 BA ? C BA . ? A BA 101 ? 1_555 O ? F HOH . ? C HOH 107 ? 1_555 166.7 ? 
# 
loop_
_struct_site.id 
_struct_site.pdbx_evidence_code 
_struct_site.pdbx_auth_asym_id 
_struct_site.pdbx_auth_comp_id 
_struct_site.pdbx_auth_seq_id 
_struct_site.pdbx_auth_ins_code 
_struct_site.pdbx_num_residues 
_struct_site.details 
AC1 Software A BA  101 ? 2 'binding site for residue BA A 101'  
AC2 Software A 9ZQ 102 ? 6 'binding site for residue 9ZQ A 102' 
# 
loop_
_struct_site_gen.id 
_struct_site_gen.site_id 
_struct_site_gen.pdbx_num_res 
_struct_site_gen.label_comp_id 
_struct_site_gen.label_asym_id 
_struct_site_gen.label_seq_id 
_struct_site_gen.pdbx_auth_ins_code 
_struct_site_gen.auth_comp_id 
_struct_site_gen.auth_asym_id 
_struct_site_gen.auth_seq_id 
_struct_site_gen.label_atom_id 
_struct_site_gen.label_alt_id 
_struct_site_gen.symmetry 
_struct_site_gen.details 
1 AC1 2 DG  A 1 ? DG  A 1   . ? 1_555  ? 
2 AC1 2 HOH E . ? HOH A 208 . ? 1_555  ? 
3 AC2 6 DC  A 3 ? DC  A 3   . ? 1_555  ? 
4 AC2 6 DG  A 4 ? DG  A 4   . ? 1_555  ? 
5 AC2 6 5BT B 1 ? 5BT C 1   . ? 4_655  ? 
6 AC2 6 5BT B 1 ? 5BT C 1   . ? 1_555  ? 
7 AC2 6 DG  B 2 ? DG  C 2   . ? 1_555  ? 
8 AC2 6 DG  B 3 ? DG  C 3   . ? 11_655 ? 
# 
loop_
_pdbx_validate_symm_contact.id 
_pdbx_validate_symm_contact.PDB_model_num 
_pdbx_validate_symm_contact.auth_atom_id_1 
_pdbx_validate_symm_contact.auth_asym_id_1 
_pdbx_validate_symm_contact.auth_comp_id_1 
_pdbx_validate_symm_contact.auth_seq_id_1 
_pdbx_validate_symm_contact.PDB_ins_code_1 
_pdbx_validate_symm_contact.label_alt_id_1 
_pdbx_validate_symm_contact.site_symmetry_1 
_pdbx_validate_symm_contact.auth_atom_id_2 
_pdbx_validate_symm_contact.auth_asym_id_2 
_pdbx_validate_symm_contact.auth_comp_id_2 
_pdbx_validate_symm_contact.auth_seq_id_2 
_pdbx_validate_symm_contact.PDB_ins_code_2 
_pdbx_validate_symm_contact.label_alt_id_2 
_pdbx_validate_symm_contact.site_symmetry_2 
_pdbx_validate_symm_contact.dist 
1 1 O  A HOH 201 ? ? 1_555 O A HOH 201 ? ? 12_544 0.61 
2 1 N1 A DG  1   ? ? 1_555 O A HOH 201 ? ? 12_544 1.98 
# 
loop_
_pdbx_struct_special_symmetry.id 
_pdbx_struct_special_symmetry.PDB_model_num 
_pdbx_struct_special_symmetry.auth_asym_id 
_pdbx_struct_special_symmetry.auth_comp_id 
_pdbx_struct_special_symmetry.auth_seq_id 
_pdbx_struct_special_symmetry.PDB_ins_code 
_pdbx_struct_special_symmetry.label_asym_id 
_pdbx_struct_special_symmetry.label_comp_id 
_pdbx_struct_special_symmetry.label_seq_id 
1 1 C HOH 111 ? F HOH . 
2 1 C HOH 121 ? F HOH . 
# 
loop_
_pdbx_distant_solvent_atoms.id 
_pdbx_distant_solvent_atoms.PDB_model_num 
_pdbx_distant_solvent_atoms.auth_atom_id 
_pdbx_distant_solvent_atoms.label_alt_id 
_pdbx_distant_solvent_atoms.auth_asym_id 
_pdbx_distant_solvent_atoms.auth_comp_id 
_pdbx_distant_solvent_atoms.auth_seq_id 
_pdbx_distant_solvent_atoms.PDB_ins_code 
_pdbx_distant_solvent_atoms.neighbor_macromolecule_distance 
_pdbx_distant_solvent_atoms.neighbor_ligand_distance 
1 1 O ? A HOH 227 ? 6.04 . 
2 1 O ? C HOH 122 ? 6.08 . 
# 
loop_
_chem_comp_atom.comp_id 
_chem_comp_atom.atom_id 
_chem_comp_atom.type_symbol 
_chem_comp_atom.pdbx_aromatic_flag 
_chem_comp_atom.pdbx_stereo_config 
_chem_comp_atom.pdbx_ordinal 
5BT N1     N  N N 1   
5BT C2     C  N N 2   
5BT O2     O  N N 3   
5BT N3     N  N N 4   
5BT C4     C  N N 5   
5BT N4     N  N N 6   
5BT C5     C  N N 7   
5BT BR5    BR N N 8   
5BT C6     C  N N 9   
5BT "C1'"  C  N R 10  
5BT "C2'"  C  N N 11  
5BT "C3'"  C  N S 12  
5BT "O3'"  O  N N 13  
5BT "C4'"  C  N R 14  
5BT "O4'"  O  N N 15  
5BT "C5'"  C  N N 16  
5BT "O5'"  O  N N 17  
5BT HN4    H  N N 18  
5BT HN4A   H  N N 19  
5BT H6     H  N N 20  
5BT "H1'"  H  N N 21  
5BT "H2'"  H  N N 22  
5BT "H2'A" H  N N 23  
5BT "H3'"  H  N N 24  
5BT "HO3'" H  N N 25  
5BT "H4'"  H  N N 26  
5BT "H5'"  H  N N 27  
5BT "H5'A" H  N N 28  
5BT "HO5'" H  N N 29  
9ZQ C37    C  Y N 30  
9ZQ C38    C  Y N 31  
9ZQ C41    C  Y N 32  
9ZQ C35    C  Y N 33  
9ZQ C36    C  Y N 34  
9ZQ C29    C  Y N 35  
9ZQ N12    N  Y N 36  
9ZQ C34    C  Y N 37  
9ZQ C33    C  Y N 38  
9ZQ C32    C  Y N 39  
9ZQ C40    C  Y N 40  
9ZQ C31    C  Y N 41  
9ZQ C30    C  Y N 42  
9ZQ N9     N  Y N 43  
9ZQ RU     RU N N 44  
9ZQ N1     N  Y N 45  
9ZQ C12    C  Y N 46  
9ZQ C11    C  Y N 47  
9ZQ C9     C  Y N 48  
9ZQ N8     N  Y N 49  
9ZQ C28    C  Y N 50  
9ZQ C27    C  Y N 51  
9ZQ C42    C  Y N 52  
9ZQ C26    C  Y N 53  
9ZQ C25    C  Y N 54  
9ZQ C24    C  Y N 55  
9ZQ C23    C  Y N 56  
9ZQ C22    C  Y N 57  
9ZQ C43    C  Y N 58  
9ZQ C21    C  Y N 59  
9ZQ C20    C  Y N 60  
9ZQ C19    C  Y N 61  
9ZQ N5     N  Y N 62  
9ZQ N2     N  Y N 63  
9ZQ C1     C  Y N 64  
9ZQ C10    C  Y N 65  
9ZQ C8     C  Y N 66  
9ZQ C2     C  Y N 67  
9ZQ C3     C  Y N 68  
9ZQ C4     C  Y N 69  
9ZQ C5     C  Y N 70  
9ZQ C6     C  Y N 71  
9ZQ C7     C  Y N 72  
9ZQ N4     N  Y N 73  
9ZQ N3     N  Y N 74  
9ZQ C15    C  Y N 75  
9ZQ C13    C  Y N 76  
9ZQ C16    C  Y N 77  
9ZQ C17    C  Y N 78  
9ZQ C18    C  Y N 79  
9ZQ C14    C  Y N 80  
9ZQ C39    C  N N 81  
9ZQ C44    C  N N 82  
9ZQ H1     H  N N 83  
9ZQ H2     H  N N 84  
9ZQ H3     H  N N 85  
9ZQ H4     H  N N 86  
9ZQ H5     H  N N 87  
9ZQ H6     H  N N 88  
9ZQ H7     H  N N 89  
9ZQ H8     H  N N 90  
9ZQ H9     H  N N 91  
9ZQ H10    H  N N 92  
9ZQ H11    H  N N 93  
9ZQ H12    H  N N 94  
9ZQ H13    H  N N 95  
9ZQ H14    H  N N 96  
9ZQ H15    H  N N 97  
9ZQ H16    H  N N 98  
9ZQ H17    H  N N 99  
9ZQ H18    H  N N 100 
9ZQ H19    H  N N 101 
9ZQ H20    H  N N 102 
9ZQ H21    H  N N 103 
9ZQ H22    H  N N 104 
9ZQ H23    H  N N 105 
9ZQ H24    H  N N 106 
9ZQ H25    H  N N 107 
9ZQ H26    H  N N 108 
9ZQ H27    H  N N 109 
9ZQ H28    H  N N 110 
9ZQ H29    H  N N 111 
9ZQ H30    H  N N 112 
BA  BA     BA N N 113 
DC  OP3    O  N N 114 
DC  P      P  N N 115 
DC  OP1    O  N N 116 
DC  OP2    O  N N 117 
DC  "O5'"  O  N N 118 
DC  "C5'"  C  N N 119 
DC  "C4'"  C  N R 120 
DC  "O4'"  O  N N 121 
DC  "C3'"  C  N S 122 
DC  "O3'"  O  N N 123 
DC  "C2'"  C  N N 124 
DC  "C1'"  C  N R 125 
DC  N1     N  N N 126 
DC  C2     C  N N 127 
DC  O2     O  N N 128 
DC  N3     N  N N 129 
DC  C4     C  N N 130 
DC  N4     N  N N 131 
DC  C5     C  N N 132 
DC  C6     C  N N 133 
DC  HOP3   H  N N 134 
DC  HOP2   H  N N 135 
DC  "H5'"  H  N N 136 
DC  "H5''" H  N N 137 
DC  "H4'"  H  N N 138 
DC  "H3'"  H  N N 139 
DC  "HO3'" H  N N 140 
DC  "H2'"  H  N N 141 
DC  "H2''" H  N N 142 
DC  "H1'"  H  N N 143 
DC  H41    H  N N 144 
DC  H42    H  N N 145 
DC  H5     H  N N 146 
DC  H6     H  N N 147 
DG  OP3    O  N N 148 
DG  P      P  N N 149 
DG  OP1    O  N N 150 
DG  OP2    O  N N 151 
DG  "O5'"  O  N N 152 
DG  "C5'"  C  N N 153 
DG  "C4'"  C  N R 154 
DG  "O4'"  O  N N 155 
DG  "C3'"  C  N S 156 
DG  "O3'"  O  N N 157 
DG  "C2'"  C  N N 158 
DG  "C1'"  C  N R 159 
DG  N9     N  Y N 160 
DG  C8     C  Y N 161 
DG  N7     N  Y N 162 
DG  C5     C  Y N 163 
DG  C6     C  N N 164 
DG  O6     O  N N 165 
DG  N1     N  N N 166 
DG  C2     C  N N 167 
DG  N2     N  N N 168 
DG  N3     N  N N 169 
DG  C4     C  Y N 170 
DG  HOP3   H  N N 171 
DG  HOP2   H  N N 172 
DG  "H5'"  H  N N 173 
DG  "H5''" H  N N 174 
DG  "H4'"  H  N N 175 
DG  "H3'"  H  N N 176 
DG  "HO3'" H  N N 177 
DG  "H2'"  H  N N 178 
DG  "H2''" H  N N 179 
DG  "H1'"  H  N N 180 
DG  H8     H  N N 181 
DG  H1     H  N N 182 
DG  H21    H  N N 183 
DG  H22    H  N N 184 
HOH O      O  N N 185 
HOH H1     H  N N 186 
HOH H2     H  N N 187 
# 
loop_
_chem_comp_bond.comp_id 
_chem_comp_bond.atom_id_1 
_chem_comp_bond.atom_id_2 
_chem_comp_bond.value_order 
_chem_comp_bond.pdbx_aromatic_flag 
_chem_comp_bond.pdbx_stereo_config 
_chem_comp_bond.pdbx_ordinal 
5BT "C1'" N1     sing N N 1   
5BT N1    C6     sing N N 2   
5BT N1    C2     sing N N 3   
5BT O2    C2     doub N N 4   
5BT C2    N3     sing N N 5   
5BT N3    C4     doub N N 6   
5BT C5    C4     sing N N 7   
5BT C4    N4     sing N N 8   
5BT N4    HN4    sing N N 9   
5BT N4    HN4A   sing N N 10  
5BT C6    C5     doub N N 11  
5BT C5    BR5    sing N N 12  
5BT C6    H6     sing N N 13  
5BT "C2'" "C1'"  sing N N 14  
5BT "C1'" "O4'"  sing N N 15  
5BT "C1'" "H1'"  sing N N 16  
5BT "C2'" "C3'"  sing N N 17  
5BT "C2'" "H2'"  sing N N 18  
5BT "C2'" "H2'A" sing N N 19  
5BT "C3'" "O3'"  sing N N 20  
5BT "C3'" "C4'"  sing N N 21  
5BT "C3'" "H3'"  sing N N 22  
5BT "O3'" "HO3'" sing N N 23  
5BT "C5'" "C4'"  sing N N 24  
5BT "C4'" "O4'"  sing N N 25  
5BT "C4'" "H4'"  sing N N 26  
5BT "C5'" "O5'"  sing N N 27  
5BT "C5'" "H5'"  sing N N 28  
5BT "C5'" "H5'A" sing N N 29  
5BT "O5'" "HO5'" sing N N 30  
9ZQ C44   C17    sing N N 31  
9ZQ C17   C16    doub Y N 32  
9ZQ C17   C18    sing Y N 33  
9ZQ C16   C15    sing Y N 34  
9ZQ C39   C18    sing N N 35  
9ZQ C18   C14    doub Y N 36  
9ZQ C15   N3     doub Y N 37  
9ZQ C15   C13    sing Y N 38  
9ZQ N3    C6     sing Y N 39  
9ZQ C14   C13    sing Y N 40  
9ZQ C13   N4     doub Y N 41  
9ZQ C4    C3     doub Y N 42  
9ZQ C4    C5     sing Y N 43  
9ZQ C3    C2     sing Y N 44  
9ZQ C6    C5     doub Y N 45  
9ZQ C6    C7     sing Y N 46  
9ZQ C5    C1     sing Y N 47  
9ZQ N4    C7     sing Y N 48  
9ZQ C7    C8     doub Y N 49  
9ZQ C2    N2     doub Y N 50  
9ZQ C1    N2     sing Y N 51  
9ZQ C1    C10    doub Y N 52  
9ZQ N2    RU     sing N N 53  
9ZQ C8    C10    sing Y N 54  
9ZQ C8    C9     sing Y N 55  
9ZQ C10   N1     sing Y N 56  
9ZQ C20   C21    doub Y N 57  
9ZQ C20   N5     sing Y N 58  
9ZQ C21   C43    sing Y N 59  
9ZQ C9    C11    doub Y N 60  
9ZQ C37   C38    doub Y N 61  
9ZQ C37   C41    sing Y N 62  
9ZQ C38   N12    sing Y N 63  
9ZQ C41   C35    doub Y N 64  
9ZQ N5    RU     sing N N 65  
9ZQ N5    C19    doub Y N 66  
9ZQ C35   C36    sing Y N 67  
9ZQ C35   C34    sing Y N 68  
9ZQ N12   RU     sing N N 69  
9ZQ N12   C36    doub Y N 70  
9ZQ RU    N1     sing N N 71  
9ZQ RU    N9     sing N N 72  
9ZQ RU    N8     sing N N 73  
9ZQ N1    C12    doub Y N 74  
9ZQ C36   C29    sing Y N 75  
9ZQ C34   C33    doub Y N 76  
9ZQ C43   C22    doub Y N 77  
9ZQ C29   N9     doub Y N 78  
9ZQ C29   C32    sing Y N 79  
9ZQ N9    C30    sing Y N 80  
9ZQ C33   C32    sing Y N 81  
9ZQ C32   C40    doub Y N 82  
9ZQ C30   C31    doub Y N 83  
9ZQ C40   C31    sing Y N 84  
9ZQ C11   C12    sing Y N 85  
9ZQ C19   C22    sing Y N 86  
9ZQ C19   C26    sing Y N 87  
9ZQ C22   C23    sing Y N 88  
9ZQ N8    C26    doub Y N 89  
9ZQ N8    C28    sing Y N 90  
9ZQ C26   C25    sing Y N 91  
9ZQ C23   C24    doub Y N 92  
9ZQ C28   C27    doub Y N 93  
9ZQ C25   C24    sing Y N 94  
9ZQ C25   C42    doub Y N 95  
9ZQ C27   C42    sing Y N 96  
9ZQ C37   H1     sing N N 97  
9ZQ C38   H2     sing N N 98  
9ZQ C41   H3     sing N N 99  
9ZQ C34   H4     sing N N 100 
9ZQ C33   H5     sing N N 101 
9ZQ C40   H6     sing N N 102 
9ZQ C31   H7     sing N N 103 
9ZQ C30   H8     sing N N 104 
9ZQ C12   H9     sing N N 105 
9ZQ C11   H10    sing N N 106 
9ZQ C9    H11    sing N N 107 
9ZQ C28   H12    sing N N 108 
9ZQ C27   H13    sing N N 109 
9ZQ C42   H14    sing N N 110 
9ZQ C24   H15    sing N N 111 
9ZQ C23   H16    sing N N 112 
9ZQ C43   H17    sing N N 113 
9ZQ C21   H18    sing N N 114 
9ZQ C20   H19    sing N N 115 
9ZQ C2    H20    sing N N 116 
9ZQ C3    H21    sing N N 117 
9ZQ C4    H22    sing N N 118 
9ZQ C16   H23    sing N N 119 
9ZQ C14   H24    sing N N 120 
9ZQ C39   H25    sing N N 121 
9ZQ C39   H26    sing N N 122 
9ZQ C39   H27    sing N N 123 
9ZQ C44   H28    sing N N 124 
9ZQ C44   H29    sing N N 125 
9ZQ C44   H30    sing N N 126 
DC  OP3   P      sing N N 127 
DC  OP3   HOP3   sing N N 128 
DC  P     OP1    doub N N 129 
DC  P     OP2    sing N N 130 
DC  P     "O5'"  sing N N 131 
DC  OP2   HOP2   sing N N 132 
DC  "O5'" "C5'"  sing N N 133 
DC  "C5'" "C4'"  sing N N 134 
DC  "C5'" "H5'"  sing N N 135 
DC  "C5'" "H5''" sing N N 136 
DC  "C4'" "O4'"  sing N N 137 
DC  "C4'" "C3'"  sing N N 138 
DC  "C4'" "H4'"  sing N N 139 
DC  "O4'" "C1'"  sing N N 140 
DC  "C3'" "O3'"  sing N N 141 
DC  "C3'" "C2'"  sing N N 142 
DC  "C3'" "H3'"  sing N N 143 
DC  "O3'" "HO3'" sing N N 144 
DC  "C2'" "C1'"  sing N N 145 
DC  "C2'" "H2'"  sing N N 146 
DC  "C2'" "H2''" sing N N 147 
DC  "C1'" N1     sing N N 148 
DC  "C1'" "H1'"  sing N N 149 
DC  N1    C2     sing N N 150 
DC  N1    C6     sing N N 151 
DC  C2    O2     doub N N 152 
DC  C2    N3     sing N N 153 
DC  N3    C4     doub N N 154 
DC  C4    N4     sing N N 155 
DC  C4    C5     sing N N 156 
DC  N4    H41    sing N N 157 
DC  N4    H42    sing N N 158 
DC  C5    C6     doub N N 159 
DC  C5    H5     sing N N 160 
DC  C6    H6     sing N N 161 
DG  OP3   P      sing N N 162 
DG  OP3   HOP3   sing N N 163 
DG  P     OP1    doub N N 164 
DG  P     OP2    sing N N 165 
DG  P     "O5'"  sing N N 166 
DG  OP2   HOP2   sing N N 167 
DG  "O5'" "C5'"  sing N N 168 
DG  "C5'" "C4'"  sing N N 169 
DG  "C5'" "H5'"  sing N N 170 
DG  "C5'" "H5''" sing N N 171 
DG  "C4'" "O4'"  sing N N 172 
DG  "C4'" "C3'"  sing N N 173 
DG  "C4'" "H4'"  sing N N 174 
DG  "O4'" "C1'"  sing N N 175 
DG  "C3'" "O3'"  sing N N 176 
DG  "C3'" "C2'"  sing N N 177 
DG  "C3'" "H3'"  sing N N 178 
DG  "O3'" "HO3'" sing N N 179 
DG  "C2'" "C1'"  sing N N 180 
DG  "C2'" "H2'"  sing N N 181 
DG  "C2'" "H2''" sing N N 182 
DG  "C1'" N9     sing N N 183 
DG  "C1'" "H1'"  sing N N 184 
DG  N9    C8     sing Y N 185 
DG  N9    C4     sing Y N 186 
DG  C8    N7     doub Y N 187 
DG  C8    H8     sing N N 188 
DG  N7    C5     sing Y N 189 
DG  C5    C6     sing N N 190 
DG  C5    C4     doub Y N 191 
DG  C6    O6     doub N N 192 
DG  C6    N1     sing N N 193 
DG  N1    C2     sing N N 194 
DG  N1    H1     sing N N 195 
DG  C2    N2     sing N N 196 
DG  C2    N3     doub N N 197 
DG  N2    H21    sing N N 198 
DG  N2    H22    sing N N 199 
DG  N3    C4     sing N N 200 
HOH O     H1     sing N N 201 
HOH O     H2     sing N N 202 
# 
_ndb_struct_conf_na.entry_id   5LFX 
_ndb_struct_conf_na.feature    'b-form double helix' 
# 
loop_
_ndb_struct_na_base_pair.model_number 
_ndb_struct_na_base_pair.i_label_asym_id 
_ndb_struct_na_base_pair.i_label_comp_id 
_ndb_struct_na_base_pair.i_label_seq_id 
_ndb_struct_na_base_pair.i_symmetry 
_ndb_struct_na_base_pair.j_label_asym_id 
_ndb_struct_na_base_pair.j_label_comp_id 
_ndb_struct_na_base_pair.j_label_seq_id 
_ndb_struct_na_base_pair.j_symmetry 
_ndb_struct_na_base_pair.shear 
_ndb_struct_na_base_pair.stretch 
_ndb_struct_na_base_pair.stagger 
_ndb_struct_na_base_pair.buckle 
_ndb_struct_na_base_pair.propeller 
_ndb_struct_na_base_pair.opening 
_ndb_struct_na_base_pair.pair_number 
_ndb_struct_na_base_pair.pair_name 
_ndb_struct_na_base_pair.i_auth_asym_id 
_ndb_struct_na_base_pair.i_auth_seq_id 
_ndb_struct_na_base_pair.i_PDB_ins_code 
_ndb_struct_na_base_pair.j_auth_asym_id 
_ndb_struct_na_base_pair.j_auth_seq_id 
_ndb_struct_na_base_pair.j_PDB_ins_code 
_ndb_struct_na_base_pair.hbond_type_28 
_ndb_struct_na_base_pair.hbond_type_12 
1 A DG 1 1_555 B DC 4 1_555 -0.363 -0.039 0.089 0.206  -5.686 -0.560 1 A_DG1:DC4_C A 1 ? C 4 ? 19 1 
1 A DC 2 1_555 B DG 3 1_555 0.158  -0.073 0.337 -3.990 -2.329 -2.897 2 A_DC2:DG3_C A 2 ? C 3 ? 19 1 
1 A DC 3 1_555 B DG 2 1_555 0.329  -0.143 0.014 12.986 8.761  -0.640 3 A_DC3:DG2_C A 3 ? C 2 ? 19 1 
# 
loop_
_ndb_struct_na_base_pair_step.model_number 
_ndb_struct_na_base_pair_step.i_label_asym_id_1 
_ndb_struct_na_base_pair_step.i_label_comp_id_1 
_ndb_struct_na_base_pair_step.i_label_seq_id_1 
_ndb_struct_na_base_pair_step.i_symmetry_1 
_ndb_struct_na_base_pair_step.j_label_asym_id_1 
_ndb_struct_na_base_pair_step.j_label_comp_id_1 
_ndb_struct_na_base_pair_step.j_label_seq_id_1 
_ndb_struct_na_base_pair_step.j_symmetry_1 
_ndb_struct_na_base_pair_step.i_label_asym_id_2 
_ndb_struct_na_base_pair_step.i_label_comp_id_2 
_ndb_struct_na_base_pair_step.i_label_seq_id_2 
_ndb_struct_na_base_pair_step.i_symmetry_2 
_ndb_struct_na_base_pair_step.j_label_asym_id_2 
_ndb_struct_na_base_pair_step.j_label_comp_id_2 
_ndb_struct_na_base_pair_step.j_label_seq_id_2 
_ndb_struct_na_base_pair_step.j_symmetry_2 
_ndb_struct_na_base_pair_step.shift 
_ndb_struct_na_base_pair_step.slide 
_ndb_struct_na_base_pair_step.rise 
_ndb_struct_na_base_pair_step.tilt 
_ndb_struct_na_base_pair_step.roll 
_ndb_struct_na_base_pair_step.twist 
_ndb_struct_na_base_pair_step.x_displacement 
_ndb_struct_na_base_pair_step.y_displacement 
_ndb_struct_na_base_pair_step.helical_rise 
_ndb_struct_na_base_pair_step.inclination 
_ndb_struct_na_base_pair_step.tip 
_ndb_struct_na_base_pair_step.helical_twist 
_ndb_struct_na_base_pair_step.step_number 
_ndb_struct_na_base_pair_step.step_name 
_ndb_struct_na_base_pair_step.i_auth_asym_id_1 
_ndb_struct_na_base_pair_step.i_auth_seq_id_1 
_ndb_struct_na_base_pair_step.i_PDB_ins_code_1 
_ndb_struct_na_base_pair_step.j_auth_asym_id_1 
_ndb_struct_na_base_pair_step.j_auth_seq_id_1 
_ndb_struct_na_base_pair_step.j_PDB_ins_code_1 
_ndb_struct_na_base_pair_step.i_auth_asym_id_2 
_ndb_struct_na_base_pair_step.i_auth_seq_id_2 
_ndb_struct_na_base_pair_step.i_PDB_ins_code_2 
_ndb_struct_na_base_pair_step.j_auth_asym_id_2 
_ndb_struct_na_base_pair_step.j_auth_seq_id_2 
_ndb_struct_na_base_pair_step.j_PDB_ins_code_2 
1 A DG 1 1_555 B DC 4 1_555 A DC 2 1_555 B DG 3 1_555 -0.786 -0.307 3.447 -2.175 -0.196 37.348 -0.452 0.922  3.487 -0.306 3.394  
37.409 1 AA_DG1DC2:DG3DC4_CC A 1 ? C 4 ? A 2 ? C 3 ? 
1 A DC 2 1_555 B DG 3 1_555 A DC 3 1_555 B DG 2 1_555 1.492  1.416  3.112 4.612  1.869  29.843 2.336  -1.927 3.379 3.598  -8.878 
30.245 2 AA_DC2DC3:DG2DG3_CC A 2 ? C 3 ? A 3 ? C 2 ? 
# 
loop_
_pdbx_audit_support.funding_organization 
_pdbx_audit_support.country 
_pdbx_audit_support.grant_number 
_pdbx_audit_support.ordinal 
'Biotechnology and Biological Sciences Research Council' 'United Kingdom' BB/K019279/1 1 
'Biotechnology and Biological Sciences Research Council' 'United Kingdom' BB/M006435/1 2 
# 
_atom_sites.entry_id                    5LFX 
_atom_sites.fract_transf_matrix[1][1]   0.00083648 
_atom_sites.fract_transf_matrix[1][2]   0.00518289 
_atom_sites.fract_transf_matrix[1][3]   -0.01622328 
_atom_sites.fract_transf_matrix[2][1]   -0.00171475 
_atom_sites.fract_transf_matrix[2][2]   0.01654153 
_atom_sites.fract_transf_matrix[2][3]   -0.00376485 
_atom_sites.fract_transf_matrix[3][1]   0.02756752 
_atom_sites.fract_transf_matrix[3][2]   0.00343070 
_atom_sites.fract_transf_matrix[3][3]   0.00251741 
_atom_sites.fract_transf_vector[1]      0.474883 
_atom_sites.fract_transf_vector[2]      -0.138924 
_atom_sites.fract_transf_vector[3]      -0.189910 
# 
loop_
_atom_type.symbol 
BA 
BR 
C  
N  
O  
P  
RU 
# 
loop_
_atom_site.group_PDB 
_atom_site.id 
_atom_site.type_symbol 
_atom_site.label_atom_id 
_atom_site.label_alt_id 
_atom_site.label_comp_id 
_atom_site.label_asym_id 
_atom_site.label_entity_id 
_atom_site.label_seq_id 
_atom_site.pdbx_PDB_ins_code 
_atom_site.Cartn_x 
_atom_site.Cartn_y 
_atom_site.Cartn_z 
_atom_site.occupancy 
_atom_site.B_iso_or_equiv 
_atom_site.pdbx_formal_charge 
_atom_site.auth_seq_id 
_atom_site.auth_comp_id 
_atom_site.auth_asym_id 
_atom_site.auth_atom_id 
_atom_site.pdbx_PDB_model_num 
ATOM   1   O  "O5'" . DG  A 1 1 ? -5.683  -9.491  -6.351 1.00 39.33  ? 1   DG  A "O5'" 1 
ATOM   2   C  "C5'" . DG  A 1 1 ? -6.508  -8.540  -5.648 1.00 37.17  ? 1   DG  A "C5'" 1 
ATOM   3   C  "C4'" . DG  A 1 1 ? -6.143  -8.545  -4.182 1.00 29.81  ? 1   DG  A "C4'" 1 
ATOM   4   O  "O4'" . DG  A 1 1 ? -4.707  -8.401  -4.026 1.00 29.30  ? 1   DG  A "O4'" 1 
ATOM   5   C  "C3'" . DG  A 1 1 ? -6.733  -7.392  -3.384 1.00 32.71  ? 1   DG  A "C3'" 1 
ATOM   6   O  "O3'" . DG  A 1 1 ? -6.815  -7.839  -2.032 1.00 38.51  ? 1   DG  A "O3'" 1 
ATOM   7   C  "C2'" . DG  A 1 1 ? -5.687  -6.311  -3.576 1.00 32.73  ? 1   DG  A "C2'" 1 
ATOM   8   C  "C1'" . DG  A 1 1 ? -4.402  -7.110  -3.502 1.00 28.41  ? 1   DG  A "C1'" 1 
ATOM   9   N  N9    . DG  A 1 1 ? -3.281  -6.573  -4.270 1.00 30.88  ? 1   DG  A N9    1 
ATOM   10  C  C8    . DG  A 1 1 ? -3.294  -6.172  -5.585 1.00 30.37  ? 1   DG  A C8    1 
ATOM   11  N  N7    . DG  A 1 1 ? -2.126  -5.773  -6.010 1.00 31.89  ? 1   DG  A N7    1 
ATOM   12  C  C5    . DG  A 1 1 ? -1.292  -5.916  -4.909 1.00 28.06  ? 1   DG  A C5    1 
ATOM   13  C  C6    . DG  A 1 1 ? 0.094   -5.627  -4.759 1.00 29.74  ? 1   DG  A C6    1 
ATOM   14  O  O6    . DG  A 1 1 ? 0.891   -5.186  -5.607 1.00 29.52  ? 1   DG  A O6    1 
ATOM   15  N  N1    . DG  A 1 1 ? 0.542   -5.928  -3.477 1.00 27.69  ? 1   DG  A N1    1 
ATOM   16  C  C2    . DG  A 1 1 ? -0.238  -6.439  -2.466 1.00 26.89  ? 1   DG  A C2    1 
ATOM   17  N  N2    . DG  A 1 1 ? 0.376   -6.649  -1.288 1.00 27.46  ? 1   DG  A N2    1 
ATOM   18  N  N3    . DG  A 1 1 ? -1.530  -6.703  -2.593 1.00 30.92  ? 1   DG  A N3    1 
ATOM   19  C  C4    . DG  A 1 1 ? -1.986  -6.422  -3.832 1.00 28.48  ? 1   DG  A C4    1 
ATOM   20  P  P     . DC  A 1 2 ? -7.505  -6.939  -0.924 1.00 41.75  ? 2   DC  A P     1 
ATOM   21  O  OP1   . DC  A 1 2 ? -8.353  -7.830  -0.104 1.00 42.09  ? 2   DC  A OP1   1 
ATOM   22  O  OP2   . DC  A 1 2 ? -8.087  -5.750  -1.575 1.00 45.78  ? 2   DC  A OP2   1 
ATOM   23  O  "O5'" . DC  A 1 2 ? -6.278  -6.442  -0.033 1.00 37.28  ? 2   DC  A "O5'" 1 
ATOM   24  C  "C5'" . DC  A 1 2 ? -5.475  -7.383  0.696  1.00 35.24  ? 2   DC  A "C5'" 1 
ATOM   25  C  "C4'" . DC  A 1 2 ? -4.469  -6.674  1.568  1.00 32.31  ? 2   DC  A "C4'" 1 
ATOM   26  O  "O4'" . DC  A 1 2 ? -3.400  -6.108  0.766  1.00 30.15  ? 2   DC  A "O4'" 1 
ATOM   27  C  "C3'" . DC  A 1 2 ? -5.038  -5.523  2.408  1.00 28.80  ? 2   DC  A "C3'" 1 
ATOM   28  O  "O3'" . DC  A 1 2 ? -4.524  -5.682  3.732  1.00 28.97  ? 2   DC  A "O3'" 1 
ATOM   29  C  "C2'" . DC  A 1 2 ? -4.560  -4.278  1.680  1.00 26.48  ? 2   DC  A "C2'" 1 
ATOM   30  C  "C1'" . DC  A 1 2 ? -3.237  -4.722  1.077  1.00 27.78  ? 2   DC  A "C1'" 1 
ATOM   31  N  N1    . DC  A 1 2 ? -2.834  -4.064  -0.173 1.00 24.60  ? 2   DC  A N1    1 
ATOM   32  C  C2    . DC  A 1 2 ? -1.506  -3.659  -0.344 1.00 22.90  ? 2   DC  A C2    1 
ATOM   33  O  O2    . DC  A 1 2 ? -0.725  -3.720  0.623  1.00 25.12  ? 2   DC  A O2    1 
ATOM   34  N  N3    . DC  A 1 2 ? -1.116  -3.171  -1.548 1.00 24.02  ? 2   DC  A N3    1 
ATOM   35  C  C4    . DC  A 1 2 ? -1.987  -3.117  -2.559 1.00 22.19  ? 2   DC  A C4    1 
ATOM   36  N  N4    . DC  A 1 2 ? -1.565  -2.620  -3.722 1.00 25.54  ? 2   DC  A N4    1 
ATOM   37  C  C5    . DC  A 1 2 ? -3.337  -3.546  -2.416 1.00 25.61  ? 2   DC  A C5    1 
ATOM   38  C  C6    . DC  A 1 2 ? -3.703  -4.042  -1.229 1.00 27.94  ? 2   DC  A C6    1 
ATOM   39  P  P     . DC  A 1 3 ? -5.240  -5.020  4.984  1.00 31.82  ? 3   DC  A P     1 
ATOM   40  O  OP1   . DC  A 1 3 ? -4.691  -5.644  6.204  1.00 33.36  ? 3   DC  A OP1   1 
ATOM   41  O  OP2   . DC  A 1 3 ? -6.695  -4.981  4.753  1.00 32.95  ? 3   DC  A OP2   1 
ATOM   42  O  "O5'" . DC  A 1 3 ? -4.705  -3.517  4.972  1.00 28.22  ? 3   DC  A "O5'" 1 
ATOM   43  C  "C5'" . DC  A 1 3 ? -3.349  -3.217  5.322  1.00 24.77  ? 3   DC  A "C5'" 1 
ATOM   44  C  "C4'" . DC  A 1 3 ? -3.067  -1.775  4.986  1.00 24.00  ? 3   DC  A "C4'" 1 
ATOM   45  O  "O4'" . DC  A 1 3 ? -2.988  -1.640  3.543  1.00 27.14  ? 3   DC  A "O4'" 1 
ATOM   46  C  "C3'" . DC  A 1 3 ? -4.151  -0.793  5.444  1.00 26.85  ? 3   DC  A "C3'" 1 
ATOM   47  O  "O3'" . DC  A 1 3 ? -3.528  0.323   6.067  1.00 31.09  ? 3   DC  A "O3'" 1 
ATOM   48  C  "C2'" . DC  A 1 3 ? -4.817  -0.360  4.150  1.00 26.25  ? 3   DC  A "C2'" 1 
ATOM   49  C  "C1'" . DC  A 1 3 ? -3.634  -0.430  3.204  1.00 26.68  ? 3   DC  A "C1'" 1 
ATOM   50  N  N1    . DC  A 1 3 ? -3.901  -0.429  1.756  1.00 23.51  ? 3   DC  A N1    1 
ATOM   51  C  C2    . DC  A 1 3 ? -2.841  -0.193  0.870  1.00 23.10  ? 3   DC  A C2    1 
ATOM   52  O  O2    . DC  A 1 3 ? -1.699  -0.014  1.326  1.00 26.67  ? 3   DC  A O2    1 
ATOM   53  N  N3    . DC  A 1 3 ? -3.082  -0.187  -0.460 1.00 24.52  ? 3   DC  A N3    1 
ATOM   54  C  C4    . DC  A 1 3 ? -4.322  -0.373  -0.913 1.00 23.89  ? 3   DC  A C4    1 
ATOM   55  N  N4    . DC  A 1 3 ? -4.517  -0.340  -2.231 1.00 26.92  ? 3   DC  A N4    1 
ATOM   56  C  C5    . DC  A 1 3 ? -5.415  -0.625  -0.035 1.00 28.61  ? 3   DC  A C5    1 
ATOM   57  C  C6    . DC  A 1 3 ? -5.163  -0.648  1.277  1.00 25.66  ? 3   DC  A C6    1 
ATOM   58  P  P     . DG  A 1 4 ? -3.273  0.328   7.668  1.00 35.08  ? 4   DG  A P     1 
ATOM   59  O  OP1   . DG  A 1 4 ? -2.053  -0.488  7.976  1.00 34.12  ? 4   DG  A OP1   1 
ATOM   60  O  OP2   . DG  A 1 4 ? -4.565  0.039   8.331  1.00 33.57  ? 4   DG  A OP2   1 
ATOM   61  O  "O5'" . DG  A 1 4 ? -2.819  1.833   7.944  1.00 31.83  ? 4   DG  A "O5'" 1 
ATOM   62  C  "C5'" . DG  A 1 4 ? -3.810  2.841   8.131  1.00 30.28  ? 4   DG  A "C5'" 1 
ATOM   63  C  "C4'" . DG  A 1 4 ? -3.136  4.166   8.371  1.00 27.60  ? 4   DG  A "C4'" 1 
ATOM   64  O  "O4'" . DG  A 1 4 ? -2.655  4.688   7.113  1.00 26.83  ? 4   DG  A "O4'" 1 
ATOM   65  C  "C3'" . DG  A 1 4 ? -4.072  5.227   8.941  1.00 32.15  ? 4   DG  A "C3'" 1 
ATOM   66  O  "O3'" . DG  A 1 4 ? -3.922  5.250   10.356 1.00 33.84  ? 4   DG  A "O3'" 1 
ATOM   67  C  "C2'" . DG  A 1 4 ? -3.590  6.512   8.297  1.00 32.53  ? 4   DG  A "C2'" 1 
ATOM   68  C  "C1'" . DG  A 1 4 ? -3.089  6.046   6.936  1.00 28.55  ? 4   DG  A "C1'" 1 
ATOM   69  N  N9    . DG  A 1 4 ? -4.068  6.052   5.852  1.00 27.85  ? 4   DG  A N9    1 
ATOM   70  C  C8    . DG  A 1 4 ? -5.419  5.805   5.938  1.00 31.61  ? 4   DG  A C8    1 
ATOM   71  N  N7    . DG  A 1 4 ? -6.016  5.812   4.777  1.00 31.53  ? 4   DG  A N7    1 
ATOM   72  C  C5    . DG  A 1 4 ? -4.997  6.061   3.868  1.00 29.32  ? 4   DG  A C5    1 
ATOM   73  C  C6    . DG  A 1 4 ? -5.031  6.161   2.448  1.00 26.22  ? 4   DG  A C6    1 
ATOM   74  O  O6    . DG  A 1 4 ? -6.005  6.063   1.687  1.00 28.01  ? 4   DG  A O6    1 
ATOM   75  N  N1    . DG  A 1 4 ? -3.770  6.418   1.923  1.00 25.59  ? 4   DG  A N1    1 
ATOM   76  C  C2    . DG  A 1 4 ? -2.617  6.541   2.661  1.00 25.25  ? 4   DG  A C2    1 
ATOM   77  N  N2    . DG  A 1 4 ? -1.492  6.756   1.966  1.00 24.51  ? 4   DG  A N2    1 
ATOM   78  N  N3    . DG  A 1 4 ? -2.569  6.436   3.982  1.00 26.85  ? 4   DG  A N3    1 
ATOM   79  C  C4    . DG  A 1 4 ? -3.787  6.198   4.514  1.00 28.73  ? 4   DG  A C4    1 
HETATM 80  N  N1    . 5BT B 2 1 ? -2.193  7.006   -2.932 1.00 28.30  ? 1   5BT C N1    1 
HETATM 81  C  C2    . 5BT B 2 1 ? -2.301  6.845   -1.532 1.00 24.51  ? 1   5BT C C2    1 
HETATM 82  O  O2    . 5BT B 2 1 ? -1.272  6.885   -0.838 1.00 24.97  ? 1   5BT C O2    1 
HETATM 83  N  N3    . 5BT B 2 1 ? -3.509  6.644   -0.979 1.00 26.23  ? 1   5BT C N3    1 
HETATM 84  C  C4    . 5BT B 2 1 ? -4.627  6.579   -1.763 1.00 28.28  ? 1   5BT C C4    1 
HETATM 85  N  N4    . 5BT B 2 1 ? -5.855  6.383   -1.246 1.00 28.76  ? 1   5BT C N4    1 
HETATM 86  C  C5    . 5BT B 2 1 ? -4.511  6.739   -3.227 1.00 31.45  ? 1   5BT C C5    1 
HETATM 87  BR BR5   . 5BT B 2 1 ? -6.027  6.653   -4.358 0.80 34.68  ? 1   5BT C BR5   1 
HETATM 88  C  C6    . 5BT B 2 1 ? -3.261  6.935   -3.733 1.00 27.71  ? 1   5BT C C6    1 
HETATM 89  C  "C1'" . 5BT B 2 1 ? -0.871  7.261   -3.481 1.00 26.69  ? 1   5BT C "C1'" 1 
HETATM 90  C  "C2'" . 5BT B 2 1 ? -0.025  6.019   -3.556 1.00 27.53  ? 1   5BT C "C2'" 1 
HETATM 91  C  "C3'" . 5BT B 2 1 ? 0.700   6.238   -4.863 1.00 29.85  ? 1   5BT C "C3'" 1 
HETATM 92  O  "O3'" . 5BT B 2 1 ? 1.922   6.900   -4.581 1.00 29.57  ? 1   5BT C "O3'" 1 
HETATM 93  C  "C4'" . 5BT B 2 1 ? -0.163  7.168   -5.706 1.00 32.67  ? 1   5BT C "C4'" 1 
HETATM 94  O  "O4'" . 5BT B 2 1 ? -1.047  7.813   -4.809 1.00 28.16  ? 1   5BT C "O4'" 1 
HETATM 95  C  "C5'" . 5BT B 2 1 ? -0.909  6.476   -6.848 1.00 37.38  ? 1   5BT C "C5'" 1 
HETATM 96  O  "O5'" . 5BT B 2 1 ? -2.024  5.754   -6.376 1.00 42.05  ? 1   5BT C "O5'" 1 
ATOM   97  P  P     . DG  B 2 2 ? 3.149   6.808   -5.588 1.00 30.73  ? 2   DG  C P     1 
ATOM   98  O  OP1   . DG  B 2 2 ? 4.117   7.873   -5.235 1.00 30.46  ? 2   DG  C OP1   1 
ATOM   99  O  OP2   . DG  B 2 2 ? 2.623   6.664   -6.979 1.00 29.19  ? 2   DG  C OP2   1 
ATOM   100 O  "O5'" . DG  B 2 2 ? 3.862   5.441   -5.186 1.00 29.93  ? 2   DG  C "O5'" 1 
ATOM   101 C  "C5'" . DG  B 2 2 ? 4.566   5.326   -3.933 1.00 28.14  ? 2   DG  C "C5'" 1 
ATOM   102 C  "C4'" . DG  B 2 2 ? 4.851   3.871   -3.645 1.00 23.74  ? 2   DG  C "C4'" 1 
ATOM   103 O  "O4'" . DG  B 2 2 ? 3.599   3.186   -3.376 1.00 26.53  ? 2   DG  C "O4'" 1 
ATOM   104 C  "C3'" . DG  B 2 2 ? 5.502   3.107   -4.799 1.00 24.30  ? 2   DG  C "C3'" 1 
ATOM   105 O  "O3'" . DG  B 2 2 ? 6.358   2.109   -4.241 1.00 28.00  ? 2   DG  C "O3'" 1 
ATOM   106 C  "C2'" . DG  B 2 2 ? 4.330   2.406   -5.452 1.00 27.78  ? 2   DG  C "C2'" 1 
ATOM   107 C  "C1'" . DG  B 2 2 ? 3.521   2.042   -4.227 1.00 24.29  ? 2   DG  C "C1'" 1 
ATOM   108 N  N9    . DG  B 2 2 ? 2.115   1.751   -4.450 1.00 24.77  ? 2   DG  C N9    1 
ATOM   109 C  C8    . DG  B 2 2 ? 1.367   1.978   -5.581 1.00 26.53  ? 2   DG  C C8    1 
ATOM   110 N  N7    . DG  B 2 2 ? 0.114   1.645   -5.440 1.00 24.42  ? 2   DG  C N7    1 
ATOM   111 C  C5    . DG  B 2 2 ? 0.031   1.168   -4.137 1.00 22.60  ? 2   DG  C C5    1 
ATOM   112 C  C6    . DG  B 2 2 ? -1.079  0.665   -3.409 1.00 22.63  ? 2   DG  C C6    1 
ATOM   113 O  O6    . DG  B 2 2 ? -2.239  0.495   -3.791 1.00 25.18  ? 2   DG  C O6    1 
ATOM   114 N  N1    . DG  B 2 2 ? -0.726  0.333   -2.106 1.00 22.81  ? 2   DG  C N1    1 
ATOM   115 C  C2    . DG  B 2 2 ? 0.538   0.426   -1.581 1.00 20.01  ? 2   DG  C C2    1 
ATOM   116 N  N2    . DG  B 2 2 ? 0.675   0.056   -0.298 1.00 23.46  ? 2   DG  C N2    1 
ATOM   117 N  N3    . DG  B 2 2 ? 1.578   0.901   -2.244 1.00 22.88  ? 2   DG  C N3    1 
ATOM   118 C  C4    . DG  B 2 2 ? 1.257   1.236   -3.512 1.00 21.90  ? 2   DG  C C4    1 
ATOM   119 P  P     . DG  B 2 3 ? 7.833   1.949   -4.730 1.00 31.72  ? 3   DG  C P     1 
ATOM   120 O  OP1   . DG  B 2 3 ? 8.474   3.257   -4.701 1.00 39.80  ? 3   DG  C OP1   1 
ATOM   121 O  OP2   . DG  B 2 3 ? 7.768   1.183   -5.991 1.00 34.82  ? 3   DG  C OP2   1 
ATOM   122 O  "O5'" . DG  B 2 3 ? 8.490   1.074   -3.576 1.00 27.55  ? 3   DG  C "O5'" 1 
ATOM   123 C  "C5'" . DG  B 2 3 ? 8.467   1.518   -2.212 1.00 24.77  ? 3   DG  C "C5'" 1 
ATOM   124 C  "C4'" . DG  B 2 3 ? 8.205   0.351   -1.295 1.00 22.60  ? 3   DG  C "C4'" 1 
ATOM   125 O  "O4'" . DG  B 2 3 ? 6.813   -0.037  -1.390 1.00 23.57  ? 3   DG  C "O4'" 1 
ATOM   126 C  "C3'" . DG  B 2 3 ? 9.023   -0.906  -1.602 1.00 24.85  ? 3   DG  C "C3'" 1 
ATOM   127 O  "O3'" . DG  B 2 3 ? 9.532   -1.401  -0.356 1.00 26.43  ? 3   DG  C "O3'" 1 
ATOM   128 C  "C2'" . DG  B 2 3 ? 8.049   -1.796  -2.365 1.00 23.64  ? 3   DG  C "C2'" 1 
ATOM   129 C  "C1'" . DG  B 2 3 ? 6.718   -1.419  -1.757 1.00 25.01  ? 3   DG  C "C1'" 1 
ATOM   130 N  N9    . DG  B 2 3 ? 5.550   -1.560  -2.614 1.00 21.73  ? 3   DG  C N9    1 
ATOM   131 C  C8    . DG  B 2 3 ? 5.457   -1.265  -3.954 1.00 21.67  ? 3   DG  C C8    1 
ATOM   132 N  N7    . DG  B 2 3 ? 4.255   -1.439  -4.433 1.00 22.87  ? 3   DG  C N7    1 
ATOM   133 C  C5    . DG  B 2 3 ? 3.508   -1.859  -3.342 1.00 21.68  ? 3   DG  C C5    1 
ATOM   134 C  C6    . DG  B 2 3 ? 2.135   -2.199  -3.246 1.00 24.34  ? 3   DG  C C6    1 
ATOM   135 O  O6    . DG  B 2 3 ? 1.268   -2.162  -4.127 1.00 27.77  ? 3   DG  C O6    1 
ATOM   136 N  N1    . DG  B 2 3 ? 1.790   -2.581  -1.951 1.00 24.91  ? 3   DG  C N1    1 
ATOM   137 C  C2    . DG  B 2 3 ? 2.655   -2.625  -0.883 1.00 21.83  ? 3   DG  C C2    1 
ATOM   138 N  N2    . DG  B 2 3 ? 2.131   -3.014  0.292  1.00 22.69  ? 3   DG  C N2    1 
ATOM   139 N  N3    . DG  B 2 3 ? 3.941   -2.326  -0.965 1.00 23.16  ? 3   DG  C N3    1 
ATOM   140 C  C4    . DG  B 2 3 ? 4.292   -1.934  -2.211 1.00 25.32  ? 3   DG  C C4    1 
ATOM   141 P  P     . DC  B 2 4 ? 10.413  -2.738  -0.315 1.00 29.34  ? 4   DC  C P     1 
ATOM   142 O  OP1   . DC  B 2 4 ? 11.344  -2.650  0.849  1.00 30.73  ? 4   DC  C OP1   1 
ATOM   143 O  OP2   . DC  B 2 4 ? 10.945  -2.976  -1.668 1.00 29.37  ? 4   DC  C OP2   1 
ATOM   144 O  "O5'" . DC  B 2 4 ? 9.333   -3.864  -0.056 1.00 26.83  ? 4   DC  C "O5'" 1 
ATOM   145 C  "C5'" . DC  B 2 4 ? 8.653   -3.907  1.194  1.00 28.54  ? 4   DC  C "C5'" 1 
ATOM   146 C  "C4'" . DC  B 2 4 ? 7.515   -4.889  1.112  1.00 27.85  ? 4   DC  C "C4'" 1 
ATOM   147 O  "O4'" . DC  B 2 4 ? 6.560   -4.432  0.146  1.00 29.06  ? 4   DC  C "O4'" 1 
ATOM   148 C  "C3'" . DC  B 2 4 ? 7.880   -6.291  0.628  1.00 25.43  ? 4   DC  C "C3'" 1 
ATOM   149 O  "O3'" . DC  B 2 4 ? 8.331   -7.089  1.712  1.00 31.15  ? 4   DC  C "O3'" 1 
ATOM   150 C  "C2'" . DC  B 2 4 ? 6.558   -6.811  0.107  1.00 27.80  ? 4   DC  C "C2'" 1 
ATOM   151 C  "C1'" . DC  B 2 4 ? 5.749   -5.543  -0.182 1.00 28.92  ? 4   DC  C "C1'" 1 
ATOM   152 N  N1    . DC  B 2 4 ? 5.298   -5.376  -1.570 1.00 26.04  ? 4   DC  C N1    1 
ATOM   153 C  C2    . DC  B 2 4 ? 3.951   -5.591  -1.852 1.00 26.26  ? 4   DC  C C2    1 
ATOM   154 O  O2    . DC  B 2 4 ? 3.198   -5.956  -0.934 1.00 28.62  ? 4   DC  C O2    1 
ATOM   155 N  N3    . DC  B 2 4 ? 3.504   -5.409  -3.118 1.00 26.90  ? 4   DC  C N3    1 
ATOM   156 C  C4    . DC  B 2 4 ? 4.354   -5.035  -4.081 1.00 23.54  ? 4   DC  C C4    1 
ATOM   157 N  N4    . DC  B 2 4 ? 3.869   -4.873  -5.316 1.00 29.66  ? 4   DC  C N4    1 
ATOM   158 C  C5    . DC  B 2 4 ? 5.735   -4.819  -3.821 1.00 25.66  ? 4   DC  C C5    1 
ATOM   159 C  C6    . DC  B 2 4 ? 6.158   -4.985  -2.559 1.00 28.44  ? 4   DC  C C6    1 
HETATM 160 BA BA    . BA  C 3 . ? -0.162  -4.782  -8.231 0.50 59.97  ? 101 BA  A BA    1 
HETATM 161 C  C37   . 9ZQ D 4 . ? 0.526   1.837   8.303  1.00 24.22  ? 102 9ZQ A C37   1 
HETATM 162 C  C38   . 9ZQ D 4 . ? 0.717   1.753   6.891  1.00 25.09  ? 102 9ZQ A C38   1 
HETATM 163 C  C41   . 9ZQ D 4 . ? 0.422   3.091   8.940  1.00 25.84  ? 102 9ZQ A C41   1 
HETATM 164 C  C35   . 9ZQ D 4 . ? 0.536   4.235   8.133  1.00 26.28  ? 102 9ZQ A C35   1 
HETATM 165 C  C36   . 9ZQ D 4 . ? 0.768   4.041   6.734  1.00 23.28  ? 102 9ZQ A C36   1 
HETATM 166 C  C29   . 9ZQ D 4 . ? 0.871   5.179   5.903  1.00 21.11  ? 102 9ZQ A C29   1 
HETATM 167 N  N12   . 9ZQ D 4 . ? 0.915   2.834   6.106  1.00 25.14  ? 102 9ZQ A N12   1 
HETATM 168 C  C34   . 9ZQ D 4 . ? 0.447   5.522   8.734  1.00 26.30  ? 102 9ZQ A C34   1 
HETATM 169 C  C33   . 9ZQ D 4 . ? 0.588   6.653   7.923  1.00 26.13  ? 102 9ZQ A C33   1 
HETATM 170 C  C32   . 9ZQ D 4 . ? 0.809   6.472   6.524  1.00 23.57  ? 102 9ZQ A C32   1 
HETATM 171 C  C40   . 9ZQ D 4 . ? 0.944   7.566   5.698  1.00 23.20  ? 102 9ZQ A C40   1 
HETATM 172 C  C31   . 9ZQ D 4 . ? 1.156   7.331   4.339  1.00 23.51  ? 102 9ZQ A C31   1 
HETATM 173 C  C30   . 9ZQ D 4 . ? 1.228   6.011   3.793  1.00 21.20  ? 102 9ZQ A C30   1 
HETATM 174 N  N9    . 9ZQ D 4 . ? 1.040   4.941   4.562  1.00 23.66  ? 102 9ZQ A N9    1 
HETATM 175 RU RU    . 9ZQ D 4 . ? 1.118   3.027   4.184  1.00 22.03  ? 102 9ZQ A RU    1 
HETATM 176 N  N1    . 9ZQ D 4 . ? 1.264   3.284   2.255  1.00 21.17  ? 102 9ZQ A N1    1 
HETATM 177 C  C12   . 9ZQ D 4 . ? 2.322   3.499   1.452  1.00 22.09  ? 102 9ZQ A C12   1 
HETATM 178 C  C11   . 9ZQ D 4 . ? 2.194   3.593   0.029  1.00 20.86  ? 102 9ZQ A C11   1 
HETATM 179 C  C9    . 9ZQ D 4 . ? 0.943   3.581   -0.589 1.00 19.35  ? 102 9ZQ A C9    1 
HETATM 180 N  N8    . 9ZQ D 4 . ? 2.958   2.934   4.505  1.00 17.62  ? 102 9ZQ A N8    1 
HETATM 181 C  C28   . 9ZQ D 4 . ? 3.979   3.839   4.832  1.00 22.14  ? 102 9ZQ A C28   1 
HETATM 182 C  C27   . 9ZQ D 4 . ? 5.301   3.445   5.118  1.00 24.31  ? 102 9ZQ A C27   1 
HETATM 183 C  C42   . 9ZQ D 4 . ? 5.720   2.052   5.149  1.00 22.36  ? 102 9ZQ A C42   1 
HETATM 184 C  C26   . 9ZQ D 4 . ? 3.417   1.570   4.541  1.00 21.24  ? 102 9ZQ A C26   1 
HETATM 185 C  C25   . 9ZQ D 4 . ? 4.745   1.107   4.838  1.00 21.85  ? 102 9ZQ A C25   1 
HETATM 186 C  C24   . 9ZQ D 4 . ? 5.095   -0.301  4.850  1.00 21.92  ? 102 9ZQ A C24   1 
HETATM 187 C  C23   . 9ZQ D 4 . ? 4.123   -1.220  4.531  1.00 22.57  ? 102 9ZQ A C23   1 
HETATM 188 C  C22   . 9ZQ D 4 . ? 2.822   -0.793  4.216  1.00 21.38  ? 102 9ZQ A C22   1 
HETATM 189 C  C43   . 9ZQ D 4 . ? 1.854   -1.690  3.869  1.00 21.44  ? 102 9ZQ A C43   1 
HETATM 190 C  C21   . 9ZQ D 4 . ? 0.578   -1.199  3.565  1.00 22.63  ? 102 9ZQ A C21   1 
HETATM 191 C  C20   . 9ZQ D 4 . ? 0.299   0.197   3.617  1.00 22.05  ? 102 9ZQ A C20   1 
HETATM 192 C  C19   . 9ZQ D 4 . ? 2.455   0.612   4.212  1.00 19.95  ? 102 9ZQ A C19   1 
HETATM 193 N  N5    . 9ZQ D 4 . ? 1.235   1.108   3.877  1.00 21.06  ? 102 9ZQ A N5    1 
HETATM 194 N  N2    . 9ZQ D 4 . ? -0.697  3.074   3.844  1.00 18.68  ? 102 9ZQ A N2    1 
HETATM 195 C  C1    . 9ZQ D 4 . ? -1.042  3.172   2.476  1.00 22.30  ? 102 9ZQ A C1    1 
HETATM 196 C  C10   . 9ZQ D 4 . ? 0.047   3.314   1.622  1.00 19.13  ? 102 9ZQ A C10   1 
HETATM 197 C  C8    . 9ZQ D 4 . ? -0.191  3.423   0.209  1.00 20.64  ? 102 9ZQ A C8    1 
HETATM 198 C  C2    . 9ZQ D 4 . ? -1.799  2.950   4.689  1.00 23.97  ? 102 9ZQ A C2    1 
HETATM 199 C  C3    . 9ZQ D 4 . ? -3.131  2.913   4.221  1.00 23.36  ? 102 9ZQ A C3    1 
HETATM 200 C  C4    . 9ZQ D 4 . ? -3.427  3.002   2.849  1.00 23.99  ? 102 9ZQ A C4    1 
HETATM 201 C  C5    . 9ZQ D 4 . ? -2.363  3.138   1.944  1.00 23.05  ? 102 9ZQ A C5    1 
HETATM 202 C  C6    . 9ZQ D 4 . ? -2.600  3.232   0.535  1.00 22.27  ? 102 9ZQ A C6    1 
HETATM 203 C  C7    . 9ZQ D 4 . ? -1.497  3.358   -0.356 1.00 23.05  ? 102 9ZQ A C7    1 
HETATM 204 N  N4    . 9ZQ D 4 . ? -1.738  3.417   -1.723 1.00 25.76  ? 102 9ZQ A N4    1 
HETATM 205 N  N3    . 9ZQ D 4 . ? -3.857  3.158   0.026  1.00 25.33  ? 102 9ZQ A N3    1 
HETATM 206 C  C15   . 9ZQ D 4 . ? -4.106  3.204   -1.341 1.00 27.66  ? 102 9ZQ A C15   1 
HETATM 207 C  C13   . 9ZQ D 4 . ? -3.028  3.358   -2.228 1.00 24.53  ? 102 9ZQ A C13   1 
HETATM 208 C  C16   . 9ZQ D 4 . ? -5.417  3.110   -1.850 1.00 29.95  ? 102 9ZQ A C16   1 
HETATM 209 C  C17   . 9ZQ D 4 . ? -5.677  3.191   -3.238 1.00 33.46  ? 102 9ZQ A C17   1 
HETATM 210 C  C18   . 9ZQ D 4 . ? -4.607  3.330   -4.124 1.00 31.48  ? 102 9ZQ A C18   1 
HETATM 211 C  C14   . 9ZQ D 4 . ? -3.288  3.393   -3.610 1.00 28.52  ? 102 9ZQ A C14   1 
HETATM 212 C  C39   . 9ZQ D 4 . ? -4.824  3.420   -5.635 1.00 39.19  ? 102 9ZQ A C39   1 
HETATM 213 C  C44   . 9ZQ D 4 . ? -7.112  3.127   -3.745 1.00 41.30  ? 102 9ZQ A C44   1 
HETATM 214 O  O     . HOH E 5 . ? 2.140   -7.514  -4.312 1.00 144.31 ? 201 HOH A O     1 
HETATM 215 O  O     . HOH E 5 . ? -3.975  -8.981  -8.230 1.00 46.88  ? 202 HOH A O     1 
HETATM 216 O  O     . HOH E 5 . ? -0.025  -1.772  6.843  1.00 32.83  ? 203 HOH A O     1 
HETATM 217 O  O     . HOH E 5 . ? 0.158   -4.953  2.852  1.00 31.61  ? 204 HOH A O     1 
HETATM 218 O  O     . HOH E 5 . ? -8.782  5.739   4.432  1.00 55.62  ? 205 HOH A O     1 
HETATM 219 O  O     . HOH E 5 . ? -1.016  -7.649  1.194  1.00 33.01  ? 206 HOH A O     1 
HETATM 220 O  O     . HOH E 5 . ? -7.604  -2.688  3.158  1.00 47.28  ? 207 HOH A O     1 
HETATM 221 O  O     . HOH E 5 . ? -2.744  -4.156  -8.433 1.00 62.02  ? 208 HOH A O     1 
HETATM 222 O  O     . HOH E 5 . ? -3.599  -2.648  -5.959 1.00 35.65  ? 209 HOH A O     1 
HETATM 223 O  O     . HOH E 5 . ? -7.453  -0.684  -3.244 1.00 41.32  ? 210 HOH A O     1 
HETATM 224 O  O     . HOH E 5 . ? -7.860  -2.997  0.147  1.00 61.15  ? 211 HOH A O     1 
HETATM 225 O  O     . HOH E 5 . ? -6.664  2.722   1.782  1.00 49.72  ? 212 HOH A O     1 
HETATM 226 O  O     . HOH E 5 . ? -6.475  1.978   6.198  1.00 67.93  ? 213 HOH A O     1 
HETATM 227 O  O     . HOH E 5 . ? -1.126  -7.924  -8.951 1.00 47.76  ? 214 HOH A O     1 
HETATM 228 O  O     . HOH E 5 . ? -6.752  -6.083  9.418  1.00 62.68  ? 215 HOH A O     1 
HETATM 229 O  O     . HOH E 5 . ? -10.797 -5.421  1.639  1.00 66.26  ? 216 HOH A O     1 
HETATM 230 O  O     . HOH E 5 . ? 0.681   10.025  1.984  1.00 28.81  ? 217 HOH A O     1 
HETATM 231 O  O     . HOH E 5 . ? -4.464  -9.538  4.528  0.50 34.43  ? 218 HOH A O     1 
HETATM 232 O  O     . HOH E 5 . ? -9.119  -10.562 -3.726 1.00 57.20  ? 219 HOH A O     1 
HETATM 233 O  O     . HOH E 5 . ? -6.922  -11.607 -9.557 1.00 55.65  ? 220 HOH A O     1 
HETATM 234 O  O     . HOH E 5 . ? 4.193   6.873   6.274  1.00 30.61  ? 221 HOH A O     1 
HETATM 235 O  O     . HOH E 5 . ? -0.077  -4.295  5.536  1.00 34.89  ? 222 HOH A O     1 
HETATM 236 O  O     . HOH E 5 . ? -1.411  -8.105  8.417  1.00 53.50  ? 223 HOH A O     1 
HETATM 237 O  O     . HOH E 5 . ? -0.285  8.525   10.936 1.00 47.64  ? 224 HOH A O     1 
HETATM 238 O  O     . HOH E 5 . ? 6.725   6.516   5.163  1.00 35.78  ? 225 HOH A O     1 
HETATM 239 O  O     . HOH E 5 . ? -12.827 -8.103  -3.185 1.00 71.99  ? 226 HOH A O     1 
HETATM 240 O  O     . HOH E 5 . ? 2.500   10.894  3.811  1.00 32.54  ? 227 HOH A O     1 
HETATM 241 O  O     . HOH F 5 . ? 7.937   5.161   -3.621 1.00 37.54  ? 101 HOH C O     1 
HETATM 242 O  O     . HOH F 5 . ? 9.009   -1.090  -6.219 1.00 50.02  ? 102 HOH C O     1 
HETATM 243 O  O     . HOH F 5 . ? 4.726   8.738   -2.768 1.00 26.34  ? 103 HOH C O     1 
HETATM 244 O  O     . HOH F 5 . ? -1.551  2.680   -7.298 1.00 44.06  ? 104 HOH C O     1 
HETATM 245 O  O     . HOH F 5 . ? 2.289   4.169   -8.032 1.00 33.68  ? 105 HOH C O     1 
HETATM 246 O  O     . HOH F 5 . ? 11.067  -6.918  2.126  1.00 37.51  ? 106 HOH C O     1 
HETATM 247 O  O     . HOH F 5 . ? 0.837   -2.072  -6.866 1.00 44.13  ? 107 HOH C O     1 
HETATM 248 O  O     . HOH F 5 . ? -3.231  0.109   -6.359 1.00 40.41  ? 108 HOH C O     1 
HETATM 249 O  O     . HOH F 5 . ? 3.715   -1.318  -7.171 1.00 40.94  ? 109 HOH C O     1 
HETATM 250 O  O     . HOH F 5 . ? 11.470  -4.270  3.175  1.00 36.91  ? 110 HOH C O     1 
HETATM 251 O  O     . HOH F 5 . ? 6.608   7.689   -6.643 0.50 56.02  ? 111 HOH C O     1 
HETATM 252 O  O     . HOH F 5 . ? 5.032   -1.998  1.668  1.00 26.49  ? 112 HOH C O     1 
HETATM 253 O  O     . HOH F 5 . ? 2.999   -8.098  1.097  1.00 46.14  ? 113 HOH C O     1 
HETATM 254 O  O     . HOH F 5 . ? 4.426   1.647   -0.923 1.00 24.28  ? 114 HOH C O     1 
HETATM 255 O  O     . HOH F 5 . ? 2.763   -5.508  1.963  1.00 44.91  ? 115 HOH C O     1 
HETATM 256 O  O     . HOH F 5 . ? 3.275   0.388   1.215  1.00 23.66  ? 116 HOH C O     1 
HETATM 257 O  O     . HOH F 5 . ? 10.200  3.899   -7.589 1.00 58.09  ? 117 HOH C O     1 
HETATM 258 O  O     . HOH F 5 . ? 7.196   5.214   -8.019 1.00 40.40  ? 118 HOH C O     1 
HETATM 259 O  O     . HOH F 5 . ? 4.401   -4.650  3.731  1.00 56.50  ? 119 HOH C O     1 
HETATM 260 O  O     . HOH F 5 . ? 4.871   3.468   -8.900 1.00 44.40  ? 120 HOH C O     1 
HETATM 261 O  O     . HOH F 5 . ? 6.836   -3.290  4.735  0.50 83.00  ? 121 HOH C O     1 
HETATM 262 O  O     . HOH F 5 . ? 12.776  -7.112  5.857  0.50 36.99  ? 122 HOH C O     1 
# 
loop_
_atom_site_anisotrop.id 
_atom_site_anisotrop.type_symbol 
_atom_site_anisotrop.pdbx_label_atom_id 
_atom_site_anisotrop.pdbx_label_alt_id 
_atom_site_anisotrop.pdbx_label_comp_id 
_atom_site_anisotrop.pdbx_label_asym_id 
_atom_site_anisotrop.pdbx_label_seq_id 
_atom_site_anisotrop.pdbx_PDB_ins_code 
_atom_site_anisotrop.U[1][1] 
_atom_site_anisotrop.U[2][2] 
_atom_site_anisotrop.U[3][3] 
_atom_site_anisotrop.U[1][2] 
_atom_site_anisotrop.U[1][3] 
_atom_site_anisotrop.U[2][3] 
_atom_site_anisotrop.pdbx_auth_seq_id 
_atom_site_anisotrop.pdbx_auth_comp_id 
_atom_site_anisotrop.pdbx_auth_asym_id 
_atom_site_anisotrop.pdbx_auth_atom_id 
1   O  "O5'" . DG  A 1 ? 0.5139 0.5529 0.4273 0.1168  0.0216  -0.0149 1   DG  A "O5'" 
2   C  "C5'" . DG  A 1 ? 0.4815 0.4886 0.4421 0.0531  -0.0161 -0.0708 1   DG  A "C5'" 
3   C  "C4'" . DG  A 1 ? 0.3714 0.3273 0.4340 0.0428  -0.0142 -0.0521 1   DG  A "C4'" 
4   O  "O4'" . DG  A 1 ? 0.3809 0.2857 0.4467 0.0222  -0.0318 -0.0989 1   DG  A "O4'" 
5   C  "C3'" . DG  A 1 ? 0.4424 0.3455 0.4547 0.0311  -0.0194 -0.0832 1   DG  A "C3'" 
6   O  "O3'" . DG  A 1 ? 0.5121 0.4766 0.4744 -0.0041 0.0052  -0.0570 1   DG  A "O3'" 
7   C  "C2'" . DG  A 1 ? 0.3965 0.3150 0.5321 0.0711  -0.0205 -0.0662 1   DG  A "C2'" 
8   C  "C1'" . DG  A 1 ? 0.3477 0.3107 0.4208 0.0245  -0.0543 -0.1009 1   DG  A "C1'" 
9   N  N9    . DG  A 1 ? 0.4195 0.2807 0.4728 -0.0004 -0.0265 -0.0640 1   DG  A N9    
10  C  C8    . DG  A 1 ? 0.4037 0.2771 0.4731 0.0375  -0.0065 -0.0409 1   DG  A C8    
11  N  N7    . DG  A 1 ? 0.4818 0.2737 0.4562 -0.0469 0.0029  -0.0197 1   DG  A N7    
12  C  C5    . DG  A 1 ? 0.3710 0.2185 0.4764 0.0438  0.0117  -0.0473 1   DG  A C5    
13  C  C6    . DG  A 1 ? 0.4356 0.2788 0.4156 -0.0164 0.0148  -0.0521 1   DG  A C6    
14  O  O6    . DG  A 1 ? 0.4590 0.2607 0.4018 -0.0006 0.0274  -0.0604 1   DG  A O6    
15  N  N1    . DG  A 1 ? 0.3511 0.2912 0.4098 0.0293  -0.0005 -0.0681 1   DG  A N1    
16  C  C2    . DG  A 1 ? 0.4067 0.1935 0.4212 0.0161  0.0140  -0.0512 1   DG  A C2    
17  N  N2    . DG  A 1 ? 0.3330 0.2743 0.4357 0.0015  0.0145  -0.0342 1   DG  A N2    
18  N  N3    . DG  A 1 ? 0.4347 0.3011 0.4387 -0.0068 -0.0247 -0.0748 1   DG  A N3    
19  C  C4    . DG  A 1 ? 0.4001 0.2496 0.4322 0.0159  -0.0202 -0.0598 1   DG  A C4    
20  P  P     . DC  A 2 ? 0.5043 0.5641 0.5180 -0.0011 -0.0227 -0.0742 2   DC  A P     
21  O  OP1   . DC  A 2 ? 0.4790 0.6223 0.4977 -0.0670 0.0554  -0.2191 2   DC  A OP1   
22  O  OP2   . DC  A 2 ? 0.4674 0.6615 0.6101 0.1605  -0.0997 -0.0946 2   DC  A OP2   
23  O  "O5'" . DC  A 2 ? 0.5151 0.3600 0.5413 0.0436  0.0277  -0.1893 2   DC  A "O5'" 
24  C  "C5'" . DC  A 2 ? 0.4459 0.4353 0.4578 -0.0003 0.0593  -0.0944 2   DC  A "C5'" 
25  C  "C4'" . DC  A 2 ? 0.4645 0.3099 0.4532 -0.0141 0.0774  -0.0686 2   DC  A "C4'" 
26  O  "O4'" . DC  A 2 ? 0.4407 0.2183 0.4862 0.0087  0.0351  -0.0140 2   DC  A "O4'" 
27  C  "C3'" . DC  A 2 ? 0.4500 0.2594 0.3846 -0.0241 0.0060  -0.0401 2   DC  A "C3'" 
28  O  "O3'" . DC  A 2 ? 0.4493 0.2414 0.4099 0.0045  -0.0142 -0.0301 2   DC  A "O3'" 
29  C  "C2'" . DC  A 2 ? 0.3703 0.2466 0.3890 -0.0448 -0.0121 -0.0352 2   DC  A "C2'" 
30  C  "C1'" . DC  A 2 ? 0.4075 0.2211 0.4267 -0.0431 0.0407  -0.0084 2   DC  A "C1'" 
31  N  N1    . DC  A 2 ? 0.3409 0.2441 0.3495 0.0168  0.0088  -0.0545 2   DC  A N1    
32  C  C2    . DC  A 2 ? 0.3520 0.1697 0.3484 -0.0166 -0.0051 -0.0097 2   DC  A C2    
33  O  O2    . DC  A 2 ? 0.3829 0.2452 0.3261 -0.0065 0.0114  -0.0273 2   DC  A O2    
34  N  N3    . DC  A 2 ? 0.3202 0.2668 0.3254 0.0095  -0.0159 -0.0075 2   DC  A N3    
35  C  C4    . DC  A 2 ? 0.3352 0.1799 0.3277 -0.0511 -0.0237 -0.0428 2   DC  A C4    
36  N  N4    . DC  A 2 ? 0.3667 0.2583 0.3452 -0.0291 -0.0203 0.0092  2   DC  A N4    
37  C  C5    . DC  A 2 ? 0.3116 0.2890 0.3724 -0.0176 0.0107  -0.0621 2   DC  A C5    
38  C  C6    . DC  A 2 ? 0.3784 0.2844 0.3985 -0.0392 -0.0331 -0.0324 2   DC  A C6    
39  P  P     . DC  A 3 ? 0.4585 0.3146 0.4358 -0.0539 0.0131  -0.0346 3   DC  A P     
40  O  OP1   . DC  A 3 ? 0.5645 0.2904 0.4123 0.0114  0.0015  -0.0295 3   DC  A OP1   
41  O  OP2   . DC  A 3 ? 0.4295 0.2891 0.5330 -0.0637 0.0324  -0.0796 3   DC  A OP2   
42  O  "O5'" . DC  A 3 ? 0.3760 0.2769 0.4192 -0.0159 0.0427  -0.0521 3   DC  A "O5'" 
43  C  "C5'" . DC  A 3 ? 0.3800 0.2086 0.3525 -0.0235 0.0338  -0.0063 3   DC  A "C5'" 
44  C  "C4'" . DC  A 3 ? 0.3075 0.2329 0.3715 -0.0593 0.0308  0.0148  3   DC  A "C4'" 
45  O  "O4'" . DC  A 3 ? 0.4116 0.2495 0.3701 -0.0054 0.0257  0.0224  3   DC  A "O4'" 
46  C  "C3'" . DC  A 3 ? 0.3860 0.2691 0.3649 -0.0614 0.0636  -0.0464 3   DC  A "C3'" 
47  O  "O3'" . DC  A 3 ? 0.4382 0.2969 0.4459 -0.0872 0.0171  -0.0701 3   DC  A "O3'" 
48  C  "C2'" . DC  A 3 ? 0.3086 0.2228 0.4659 0.0121  0.0244  -0.0246 3   DC  A "C2'" 
49  C  "C1'" . DC  A 3 ? 0.3603 0.2813 0.3718 0.0185  0.0248  0.0062  3   DC  A "C1'" 
50  N  N1    . DC  A 3 ? 0.2837 0.2160 0.3934 0.0289  -0.0170 0.0195  3   DC  A N1    
51  C  C2    . DC  A 3 ? 0.3733 0.1783 0.3260 0.0738  0.0206  0.0004  3   DC  A C2    
52  O  O2    . DC  A 3 ? 0.4213 0.2443 0.3474 0.0416  0.0070  0.0195  3   DC  A O2    
53  N  N3    . DC  A 3 ? 0.2989 0.2891 0.3437 0.0132  -0.0147 0.0132  3   DC  A N3    
54  C  C4    . DC  A 3 ? 0.2928 0.2521 0.3626 0.0317  -0.0194 -0.0739 3   DC  A C4    
55  N  N4    . DC  A 3 ? 0.3298 0.3189 0.3742 -0.0067 -0.0531 -0.0719 3   DC  A N4    
56  C  C5    . DC  A 3 ? 0.3522 0.3383 0.3965 0.0062  -0.0256 0.0128  3   DC  A C5    
57  C  C6    . DC  A 3 ? 0.3084 0.2652 0.4015 0.0597  -0.0439 -0.0160 3   DC  A C6    
58  P  P     . DG  A 4 ? 0.5053 0.3659 0.4617 -0.0475 0.0350  -0.0352 4   DG  A P     
59  O  OP1   . DG  A 4 ? 0.4733 0.4657 0.3572 -0.0230 0.0329  -0.0162 4   DG  A OP1   
60  O  OP2   . DG  A 4 ? 0.5863 0.2378 0.4512 -0.1309 0.1117  -0.0874 4   DG  A OP2   
61  O  "O5'" . DG  A 4 ? 0.4925 0.3191 0.3977 -0.0308 0.0789  -0.0339 4   DG  A "O5'" 
62  C  "C5'" . DG  A 4 ? 0.4683 0.2596 0.4224 -0.0516 0.1494  0.0137  4   DG  A "C5'" 
63  C  "C4'" . DG  A 4 ? 0.4006 0.2356 0.4126 0.0133  0.0890  -0.0249 4   DG  A "C4'" 
64  O  "O4'" . DG  A 4 ? 0.3583 0.2679 0.3933 0.0319  0.1093  -0.0577 4   DG  A "O4'" 
65  C  "C3'" . DG  A 4 ? 0.4382 0.3548 0.4284 0.0660  0.1369  -0.0396 4   DG  A "C3'" 
66  O  "O3'" . DG  A 4 ? 0.5549 0.3096 0.4210 0.0209  0.2057  -0.0145 4   DG  A "O3'" 
67  C  "C2'" . DG  A 4 ? 0.4491 0.3059 0.4809 0.0866  0.1101  -0.0496 4   DG  A "C2'" 
68  C  "C1'" . DG  A 4 ? 0.3808 0.2834 0.4201 0.0372  0.0884  -0.0083 4   DG  A "C1'" 
69  N  N9    . DG  A 4 ? 0.3356 0.2636 0.4587 0.1220  0.0690  0.0070  4   DG  A N9    
70  C  C8    . DG  A 4 ? 0.3443 0.3210 0.5359 0.0875  0.0198  -0.0307 4   DG  A C8    
71  N  N7    . DG  A 4 ? 0.3972 0.3408 0.4597 0.0816  0.0565  -0.0055 4   DG  A N7    
72  C  C5    . DG  A 4 ? 0.4090 0.3031 0.4018 0.0632  0.0132  0.0149  4   DG  A C5    
73  C  C6    . DG  A 4 ? 0.3607 0.2427 0.3926 0.0532  -0.0161 0.0165  4   DG  A C6    
74  O  O6    . DG  A 4 ? 0.3282 0.2821 0.4538 0.0371  -0.0298 -0.0007 4   DG  A O6    
75  N  N1    . DG  A 4 ? 0.3970 0.2761 0.2990 0.0435  -0.0003 -0.0161 4   DG  A N1    
76  C  C2    . DG  A 4 ? 0.3923 0.1828 0.3842 0.0362  -0.0161 -0.0113 4   DG  A C2    
77  N  N2    . DG  A 4 ? 0.4115 0.2408 0.2789 0.0024  -0.0277 -0.0099 4   DG  A N2    
78  N  N3    . DG  A 4 ? 0.4172 0.2178 0.3850 0.0503  0.0007  -0.0175 4   DG  A N3    
79  C  C4    . DG  A 4 ? 0.3888 0.2903 0.4124 0.0792  0.0183  -0.0157 4   DG  A C4    
80  N  N1    . 5BT B 1 ? 0.4596 0.2261 0.3896 0.0593  -0.0127 0.0158  1   5BT C N1    
81  C  C2    . 5BT B 1 ? 0.3860 0.1908 0.3543 0.0101  -0.0274 -0.0516 1   5BT C C2    
82  O  O2    . 5BT B 1 ? 0.4064 0.2431 0.2991 0.0186  -0.0382 -0.0069 1   5BT C O2    
83  N  N3    . 5BT B 1 ? 0.4011 0.2520 0.3434 0.0423  -0.0315 -0.0383 1   5BT C N3    
84  C  C4    . 5BT B 1 ? 0.4003 0.2373 0.4368 0.0415  -0.0498 0.0042  1   5BT C C4    
85  N  N4    . 5BT B 1 ? 0.3167 0.2930 0.4828 0.0274  -0.1144 0.0037  1   5BT C N4    
86  C  C5    . 5BT B 1 ? 0.4681 0.2684 0.4584 -0.0312 -0.0363 0.0130  1   5BT C C5    
87  BR BR5   . 5BT B 1 ? 0.4835 0.2998 0.5342 -0.0142 -0.0945 -0.0288 1   5BT C BR5   
88  C  C6    . 5BT B 1 ? 0.4596 0.2090 0.3843 0.0454  -0.0201 -0.0139 1   5BT C C6    
89  C  "C1'" . 5BT B 1 ? 0.4366 0.2207 0.3565 0.0290  -0.0152 -0.0281 1   5BT C "C1'" 
90  C  "C2'" . 5BT B 1 ? 0.4294 0.2541 0.3623 0.0521  -0.0320 -0.0325 1   5BT C "C2'" 
91  C  "C3'" . 5BT B 1 ? 0.4225 0.3155 0.3960 0.0811  0.0008  -0.0123 1   5BT C "C3'" 
92  O  "O3'" . 5BT B 1 ? 0.4048 0.2756 0.4429 0.1155  -0.0319 -0.0344 1   5BT C "O3'" 
93  C  "C4'" . 5BT B 1 ? 0.4639 0.4398 0.3375 0.1126  0.0007  0.0034  1   5BT C "C4'" 
94  O  "O4'" . 5BT B 1 ? 0.4516 0.2723 0.3459 0.0461  -0.0033 -0.0161 1   5BT C "O4'" 
95  C  "C5'" . 5BT B 1 ? 0.4656 0.4499 0.5048 0.0151  0.0175  -0.0988 1   5BT C "C5'" 
96  O  "O5'" . 5BT B 1 ? 0.6300 0.4662 0.5014 -0.1007 0.0732  -0.2104 1   5BT C "O5'" 
97  P  P     . DG  B 2 ? 0.4634 0.3339 0.3700 0.0814  -0.0604 0.0575  2   DG  C P     
98  O  OP1   . DG  B 2 ? 0.3875 0.3039 0.4660 0.0660  0.0099  0.1079  2   DG  C OP1   
99  O  OP2   . DG  B 2 ? 0.4716 0.3312 0.3062 0.0862  0.0058  0.0534  2   DG  C OP2   
100 O  "O5'" . DG  B 2 ? 0.5438 0.3063 0.2869 0.1125  -0.0087 0.0432  2   DG  C "O5'" 
101 C  "C5'" . DG  B 2 ? 0.4511 0.2780 0.3401 0.0745  -0.0385 0.0033  2   DG  C "C5'" 
102 C  "C4'" . DG  B 2 ? 0.3372 0.2520 0.3124 0.0384  0.0168  -0.0225 2   DG  C "C4'" 
103 O  "O4'" . DG  B 2 ? 0.4134 0.2616 0.3327 -0.0323 -0.0002 -0.0347 2   DG  C "O4'" 
104 C  "C3'" . DG  B 2 ? 0.3358 0.2793 0.3079 0.0360  0.0228  -0.0030 2   DG  C "C3'" 
105 O  "O3'" . DG  B 2 ? 0.4587 0.2602 0.3446 0.0774  -0.0033 -0.0049 2   DG  C "O3'" 
106 C  "C2'" . DG  B 2 ? 0.3410 0.3747 0.3397 0.0319  -0.0001 -0.0156 2   DG  C "C2'" 
107 C  "C1'" . DG  B 2 ? 0.3441 0.2668 0.3118 -0.0128 -0.0324 -0.0264 2   DG  C "C1'" 
108 N  N9    . DG  B 2 ? 0.3549 0.2536 0.3327 -0.0045 -0.0075 -0.0675 2   DG  C N9    
109 C  C8    . DG  B 2 ? 0.4101 0.2460 0.3519 -0.0224 -0.0270 -0.0131 2   DG  C C8    
110 N  N7    . DG  B 2 ? 0.4057 0.2249 0.2970 -0.0082 -0.0077 -0.0293 2   DG  C N7    
111 C  C5    . DG  B 2 ? 0.3623 0.2239 0.2727 0.0167  -0.0072 -0.0685 2   DG  C C5    
112 C  C6    . DG  B 2 ? 0.3371 0.2073 0.3152 0.0442  -0.0106 -0.0180 2   DG  C C6    
113 O  O6    . DG  B 2 ? 0.3607 0.2500 0.3460 0.0399  -0.0616 -0.0394 2   DG  C O6    
114 N  N1    . DG  B 2 ? 0.3121 0.2215 0.3327 0.0439  -0.0463 -0.0282 2   DG  C N1    
115 C  C2    . DG  B 2 ? 0.2999 0.1377 0.3224 -0.0035 -0.0327 -0.0266 2   DG  C C2    
116 N  N2    . DG  B 2 ? 0.3490 0.2248 0.3175 0.0001  -0.0020 0.0204  2   DG  C N2    
117 N  N3    . DG  B 2 ? 0.3795 0.2234 0.2662 0.0197  0.0167  -0.0097 2   DG  C N3    
118 C  C4    . DG  B 2 ? 0.3729 0.1683 0.2906 0.0409  -0.0269 -0.0389 2   DG  C C4    
119 P  P     . DG  B 3 ? 0.4369 0.3599 0.4082 0.0391  -0.0274 0.0265  3   DG  C P     
120 O  OP1   . DG  B 3 ? 0.4025 0.4908 0.6189 -0.0920 0.0066  0.1153  3   DG  C OP1   
121 O  OP2   . DG  B 3 ? 0.4907 0.5241 0.3081 0.1732  0.0659  0.0300  3   DG  C OP2   
122 O  "O5'" . DG  B 3 ? 0.3379 0.3532 0.3554 0.0560  0.0505  0.0219  3   DG  C "O5'" 
123 C  "C5'" . DG  B 3 ? 0.3191 0.2411 0.3810 0.0115  0.0006  0.0357  3   DG  C "C5'" 
124 C  "C4'" . DG  B 3 ? 0.3140 0.2842 0.2602 0.0100  0.0110  0.0131  3   DG  C "C4'" 
125 O  "O4'" . DG  B 3 ? 0.3173 0.2265 0.3515 0.0325  0.0002  -0.0033 3   DG  C "O4'" 
126 C  "C3'" . DG  B 3 ? 0.3314 0.2494 0.3632 -0.0066 -0.0286 0.0191  3   DG  C "C3'" 
127 O  "O3'" . DG  B 3 ? 0.3632 0.2895 0.3513 0.0282  -0.0071 0.0323  3   DG  C "O3'" 
128 C  "C2'" . DG  B 3 ? 0.3581 0.2118 0.3283 0.0051  -0.0183 0.0062  3   DG  C "C2'" 
129 C  "C1'" . DG  B 3 ? 0.3364 0.2419 0.3717 -0.0607 -0.0230 0.0024  3   DG  C "C1'" 
130 N  N9    . DG  B 3 ? 0.3496 0.1956 0.2802 -0.0064 -0.0229 -0.0100 3   DG  C N9    
131 C  C8    . DG  B 3 ? 0.3704 0.1763 0.2765 0.0357  0.0217  -0.0088 3   DG  C C8    
132 N  N7    . DG  B 3 ? 0.3369 0.2444 0.2874 0.0342  0.0496  -0.0198 3   DG  C N7    
133 C  C5    . DG  B 3 ? 0.3439 0.1447 0.3349 0.0080  0.0654  -0.0414 3   DG  C C5    
134 C  C6    . DG  B 3 ? 0.3484 0.2185 0.3576 -0.0284 0.0205  -0.0617 3   DG  C C6    
135 O  O6    . DG  B 3 ? 0.4965 0.2243 0.3340 0.0270  -0.0128 -0.0064 3   DG  C O6    
136 N  N1    . DG  B 3 ? 0.3587 0.2483 0.3393 -0.0359 0.0063  -0.0611 3   DG  C N1    
137 C  C2    . DG  B 3 ? 0.3149 0.1904 0.3240 0.0046  0.0280  -0.0330 3   DG  C C2    
138 N  N2    . DG  B 3 ? 0.3123 0.2375 0.3123 0.0018  0.0152  -0.0228 3   DG  C N2    
139 N  N3    . DG  B 3 ? 0.3341 0.2190 0.3267 -0.0213 0.0466  -0.0145 3   DG  C N3    
140 C  C4    . DG  B 3 ? 0.3885 0.2499 0.3235 0.0122  0.0576  -0.0299 3   DG  C C4    
141 P  P     . DC  B 4 ? 0.4033 0.2798 0.4316 0.0303  0.0039  0.0066  4   DC  C P     
142 O  OP1   . DC  B 4 ? 0.4173 0.2703 0.4801 0.0354  0.0017  0.0589  4   DC  C OP1   
143 O  OP2   . DC  B 4 ? 0.3750 0.2639 0.4770 -0.0055 0.0872  -0.0602 4   DC  C OP2   
144 O  "O5'" . DC  B 4 ? 0.3253 0.2847 0.4093 0.0391  -0.0026 -0.0221 4   DC  C "O5'" 
145 C  "C5'" . DC  B 4 ? 0.4330 0.2577 0.3935 -0.0012 0.0099  0.0046  4   DC  C "C5'" 
146 C  "C4'" . DC  B 4 ? 0.3766 0.2564 0.4252 0.0327  0.0268  -0.0786 4   DC  C "C4'" 
147 O  "O4'" . DC  B 4 ? 0.4359 0.2640 0.4043 0.0404  0.0336  -0.0533 4   DC  C "O4'" 
148 C  "C3'" . DC  B 4 ? 0.4089 0.2035 0.3535 0.0137  0.0321  -0.0222 4   DC  C "C3'" 
149 O  "O3'" . DC  B 4 ? 0.5558 0.2222 0.4054 -0.0073 0.0359  0.0342  4   DC  C "O3'" 
150 C  "C2'" . DC  B 4 ? 0.3420 0.2765 0.4378 0.0471  0.0641  -0.0712 4   DC  C "C2'" 
151 C  "C1'" . DC  B 4 ? 0.3603 0.2997 0.4385 0.0384  -0.0033 -0.0600 4   DC  C "C1'" 
152 N  N1    . DC  B 4 ? 0.3251 0.2313 0.4330 0.0512  0.0260  -0.0335 4   DC  C N1    
153 C  C2    . DC  B 4 ? 0.3465 0.2500 0.4012 0.0219  -0.0102 -0.0757 4   DC  C C2    
154 O  O2    . DC  B 4 ? 0.4226 0.2463 0.4183 0.0290  -0.0298 0.0000  4   DC  C O2    
155 N  N3    . DC  B 4 ? 0.3734 0.2605 0.3883 0.0108  0.0342  -0.0185 4   DC  C N3    
156 C  C4    . DC  B 4 ? 0.3436 0.1940 0.3566 -0.0024 0.0420  -0.0855 4   DC  C C4    
157 N  N4    . DC  B 4 ? 0.4718 0.2523 0.4026 -0.0147 0.0411  -0.0219 4   DC  C N4    
158 C  C5    . DC  B 4 ? 0.3286 0.2293 0.4169 0.0431  0.0234  -0.0430 4   DC  C C5    
159 C  C6    . DC  B 4 ? 0.4429 0.2279 0.4095 0.0511  0.0525  -0.0467 4   DC  C C6    
160 BA BA    . BA  C . ? 1.0759 0.6630 0.5395 -0.0875 -0.0792 0.1054  101 BA  A BA    
161 C  C37   . 9ZQ D . ? 0.3736 0.2712 0.2752 0.0364  0.0527  0.0364  102 9ZQ A C37   
162 C  C38   . 9ZQ D . ? 0.3298 0.3286 0.2948 0.0196  0.1156  0.0312  102 9ZQ A C38   
163 C  C41   . 9ZQ D . ? 0.3966 0.3383 0.2469 -0.0055 0.0836  -0.0026 102 9ZQ A C41   
164 C  C35   . 9ZQ D . ? 0.4326 0.2684 0.2974 0.0668  0.0324  -0.0208 102 9ZQ A C35   
165 C  C36   . 9ZQ D . ? 0.3614 0.2652 0.2577 0.0556  0.0241  0.0277  102 9ZQ A C36   
166 C  C29   . 9ZQ D . ? 0.3032 0.2057 0.2930 0.0732  -0.0204 -0.0135 102 9ZQ A C29   
167 N  N12   . 9ZQ D . ? 0.4241 0.2684 0.2625 0.0484  0.0556  0.0082  102 9ZQ A N12   
168 C  C34   . 9ZQ D . ? 0.3802 0.3203 0.2986 0.0469  0.0001  -0.0588 102 9ZQ A C34   
169 C  C33   . 9ZQ D . ? 0.3882 0.3097 0.2946 0.0495  0.0239  -0.0837 102 9ZQ A C33   
170 C  C32   . 9ZQ D . ? 0.3866 0.2519 0.2570 0.0342  -0.0016 -0.0489 102 9ZQ A C32   
171 C  C40   . 9ZQ D . ? 0.3706 0.2098 0.3008 0.0025  -0.0040 -0.0597 102 9ZQ A C40   
172 C  C31   . 9ZQ D . ? 0.4030 0.2234 0.2669 0.0363  -0.0119 -0.0107 102 9ZQ A C31   
173 C  C30   . 9ZQ D . ? 0.2849 0.2154 0.3048 0.0118  0.0382  -0.0170 102 9ZQ A C30   
174 N  N9    . 9ZQ D . ? 0.4148 0.2045 0.2797 0.0337  0.0059  -0.0240 102 9ZQ A N9    
175 RU RU    . 9ZQ D . ? 0.3399 0.2175 0.2796 0.0275  0.0187  -0.0064 102 9ZQ A RU    
176 N  N1    . 9ZQ D . ? 0.2880 0.2482 0.2681 -0.0023 -0.0027 -0.0061 102 9ZQ A N1    
177 C  C12   . 9ZQ D . ? 0.3648 0.2180 0.2565 0.0115  0.0302  0.0188  102 9ZQ A C12   
178 C  C11   . 9ZQ D . ? 0.3004 0.2204 0.2717 0.0253  0.0058  -0.0348 102 9ZQ A C11   
179 C  C9    . 9ZQ D . ? 0.3389 0.1622 0.2342 0.0190  -0.0164 -0.0206 102 9ZQ A C9    
180 N  N8    . 9ZQ D . ? 0.3116 0.1458 0.2120 -0.0769 0.0293  -0.0377 102 9ZQ A N8    
181 C  C28   . 9ZQ D . ? 0.2881 0.2900 0.2629 -0.0946 -0.0576 -0.0132 102 9ZQ A C28   
182 C  C27   . 9ZQ D . ? 0.3669 0.2472 0.3095 0.0597  0.0540  0.0125  102 9ZQ A C27   
183 C  C42   . 9ZQ D . ? 0.3351 0.2465 0.2677 0.0638  -0.0078 -0.0290 102 9ZQ A C42   
184 C  C26   . 9ZQ D . ? 0.2985 0.2254 0.2831 0.0298  0.0427  -0.0083 102 9ZQ A C26   
185 C  C25   . 9ZQ D . ? 0.3405 0.2398 0.2499 0.0467  0.0138  0.0084  102 9ZQ A C25   
186 C  C24   . 9ZQ D . ? 0.3226 0.2599 0.2504 0.0449  0.0099  -0.0317 102 9ZQ A C24   
187 C  C23   . 9ZQ D . ? 0.3425 0.2166 0.2983 0.0327  0.0543  0.0286  102 9ZQ A C23   
188 C  C22   . 9ZQ D . ? 0.3110 0.1873 0.3139 0.0401  0.0806  0.0148  102 9ZQ A C22   
189 C  C43   . 9ZQ D . ? 0.2937 0.1951 0.3255 0.0478  0.0371  0.0341  102 9ZQ A C43   
190 C  C21   . 9ZQ D . ? 0.2575 0.2288 0.3735 0.0422  0.0571  0.0254  102 9ZQ A C21   
191 C  C20   . 9ZQ D . ? 0.3156 0.2026 0.3194 -0.0028 0.0581  0.0197  102 9ZQ A C20   
192 C  C19   . 9ZQ D . ? 0.3355 0.1730 0.2494 0.0418  0.0361  0.0044  102 9ZQ A C19   
193 N  N5    . 9ZQ D . ? 0.2846 0.2195 0.2957 0.0098  0.0371  -0.0145 102 9ZQ A N5    
194 N  N2    . 9ZQ D . ? 0.3247 0.1451 0.2398 -0.0547 0.0410  -0.0365 102 9ZQ A N2    
195 C  C1    . 9ZQ D . ? 0.3459 0.2230 0.2781 -0.0153 -0.0073 -0.0346 102 9ZQ A C1    
196 C  C10   . 9ZQ D . ? 0.3385 0.1433 0.2451 0.0162  -0.0130 0.0018  102 9ZQ A C10   
197 C  C8    . 9ZQ D . ? 0.3114 0.2135 0.2595 0.0286  -0.0198 -0.0221 102 9ZQ A C8    
198 C  C2    . 9ZQ D . ? 0.3216 0.2569 0.3320 -0.0478 0.0550  -0.0178 102 9ZQ A C2    
199 C  C3    . 9ZQ D . ? 0.3656 0.1895 0.3322 -0.0136 0.0085  -0.0643 102 9ZQ A C3    
200 C  C4    . 9ZQ D . ? 0.3470 0.2135 0.3508 0.0094  -0.0084 -0.0016 102 9ZQ A C4    
201 C  C5    . 9ZQ D . ? 0.3459 0.1882 0.3417 -0.0403 -0.0151 -0.0190 102 9ZQ A C5    
202 C  C6    . 9ZQ D . ? 0.3591 0.1342 0.3526 0.0081  -0.0206 -0.0058 102 9ZQ A C6    
203 C  C7    . 9ZQ D . ? 0.3432 0.1783 0.3543 0.0239  -0.0480 0.0000  102 9ZQ A C7    
204 N  N4    . 9ZQ D . ? 0.4147 0.1978 0.3661 -0.0060 -0.0525 -0.0143 102 9ZQ A N4    
205 N  N3    . 9ZQ D . ? 0.4134 0.1853 0.3637 0.0020  -0.0684 -0.0167 102 9ZQ A N3    
206 C  C15   . 9ZQ D . ? 0.4164 0.2561 0.3782 0.0210  -0.0634 0.0002  102 9ZQ A C15   
207 C  C13   . 9ZQ D . ? 0.4175 0.1805 0.3340 0.0450  -0.0695 0.0200  102 9ZQ A C13   
208 C  C16   . 9ZQ D . ? 0.4403 0.1791 0.5184 0.0158  -0.1120 0.0498  102 9ZQ A C16   
209 C  C17   . 9ZQ D . ? 0.4935 0.2827 0.4951 -0.0468 -0.0650 0.0037  102 9ZQ A C17   
210 C  C18   . 9ZQ D . ? 0.4770 0.2722 0.4468 0.0374  -0.0906 0.0456  102 9ZQ A C18   
211 C  C14   . 9ZQ D . ? 0.5091 0.2091 0.3651 0.0247  -0.1239 0.0458  102 9ZQ A C14   
212 C  C39   . 9ZQ D . ? 0.5733 0.4707 0.4451 -0.0924 -0.1538 -0.0519 102 9ZQ A C39   
213 C  C44   . 9ZQ D . ? 0.6045 0.3604 0.6043 -0.1014 -0.1943 -0.0256 102 9ZQ A C44   
214 O  O     . HOH E . ? 1.1328 2.3511 1.9991 -0.2854 0.0740  0.0447  201 HOH A O     
215 O  O     . HOH E . ? 0.7615 0.5864 0.4333 0.1569  -0.0373 0.0470  202 HOH A O     
216 O  O     . HOH E . ? 0.3245 0.4609 0.4618 0.0523  -0.0491 -0.0815 203 HOH A O     
217 O  O     . HOH E . ? 0.4965 0.2711 0.4331 -0.0296 0.0083  0.0932  204 HOH A O     
218 O  O     . HOH E . ? 0.6015 0.6436 0.8683 0.0073  -0.0683 -0.1355 205 HOH A O     
219 O  O     . HOH E . ? 0.5306 0.3029 0.4205 0.0172  -0.0176 -0.0199 206 HOH A O     
220 O  O     . HOH E . ? 0.3813 0.5141 0.9008 -0.0020 0.0963  -0.0285 207 HOH A O     
221 O  O     . HOH E . ? 1.1776 0.6005 0.5784 0.0302  0.1255  0.0639  208 HOH A O     
222 O  O     . HOH E . ? 0.5716 0.3100 0.4729 0.0730  -0.1354 -0.0277 209 HOH A O     
223 O  O     . HOH E . ? 0.5186 0.5330 0.5181 -0.0513 -0.1367 -0.0194 210 HOH A O     
224 O  O     . HOH E . ? 0.6235 0.5584 1.1416 -0.1869 -0.4608 0.3083  211 HOH A O     
225 O  O     . HOH E . ? 0.4903 0.5057 0.8930 0.0735  -0.1701 -0.1145 212 HOH A O     
226 O  O     . HOH E . ? 0.7819 1.0649 0.7341 -0.0442 0.1467  -0.5404 213 HOH A O     
227 O  O     . HOH E . ? 0.7975 0.6137 0.4036 0.0122  -0.0610 0.1368  214 HOH A O     
228 O  O     . HOH E . ? 1.1862 0.4950 0.7003 0.0245  0.1662  0.1830  215 HOH A O     
229 O  O     . HOH E . ? 0.5988 0.8396 1.0789 -0.1120 0.0260  0.0326  216 HOH A O     
230 O  O     . HOH E . ? 0.4440 0.3190 0.3316 -0.0162 -0.0764 0.0378  217 HOH A O     
231 O  O     . HOH E . ? 0.6004 0.3268 0.3808 0.0711  0.0056  0.0142  218 HOH A O     
232 O  O     . HOH E . ? 0.7278 0.4327 1.0129 0.0719  -0.0239 0.0867  219 HOH A O     
233 O  O     . HOH E . ? 0.6907 0.5341 0.8894 0.1040  -0.0360 0.1350  220 HOH A O     
234 O  O     . HOH E . ? 0.4893 0.2726 0.4011 0.0278  0.0210  -0.0134 221 HOH A O     
235 O  O     . HOH E . ? 0.3663 0.4982 0.4610 0.0010  0.0483  0.1739  222 HOH A O     
236 O  O     . HOH E . ? 0.7719 0.6452 0.6153 -0.0129 -0.0313 0.3464  223 HOH A O     
237 O  O     . HOH E . ? 0.8245 0.5283 0.4572 -0.0274 0.1476  0.0704  224 HOH A O     
238 O  O     . HOH E . ? 0.4669 0.3182 0.5743 -0.0106 0.0447  -0.0760 225 HOH A O     
239 O  O     . HOH E . ? 1.0283 0.6367 1.0702 0.1965  0.0720  0.1820  226 HOH A O     
240 O  O     . HOH E . ? 0.4931 0.3272 0.4157 -0.0127 -0.0773 0.0680  227 HOH A O     
241 O  O     . HOH F . ? 0.6001 0.4103 0.4156 -0.0432 -0.0096 0.0245  101 HOH C O     
242 O  O     . HOH F . ? 0.9752 0.3651 0.5603 0.0244  0.0678  0.0449  102 HOH C O     
243 O  O     . HOH F . ? 0.3590 0.2174 0.4243 0.0021  0.0037  0.0326  103 HOH C O     
244 O  O     . HOH F . ? 0.4657 0.6631 0.5453 0.1039  -0.1193 0.0092  104 HOH C O     
245 O  O     . HOH F . ? 0.5875 0.3053 0.3866 0.0357  -0.0431 0.0307  105 HOH C O     
246 O  O     . HOH F . ? 0.5222 0.3752 0.5278 0.0179  -0.1486 0.0005  106 HOH C O     
247 O  O     . HOH F . ? 0.7812 0.5498 0.3455 0.0831  -0.0264 -0.0709 107 HOH C O     
248 O  O     . HOH F . ? 0.6184 0.4711 0.4457 0.0659  -0.1862 0.0364  108 HOH C O     
249 O  O     . HOH F . ? 0.7356 0.4526 0.3671 0.0212  -0.0757 -0.0405 109 HOH C O     
250 O  O     . HOH F . ? 0.5108 0.3863 0.5053 -0.0235 -0.0386 0.0463  110 HOH C O     
251 O  O     . HOH F . ? 0.5609 0.6434 0.9241 0.0657  0.2417  -0.2238 111 HOH C O     
252 O  O     . HOH F . ? 0.4406 0.2318 0.3339 0.0647  0.0280  -0.0119 112 HOH C O     
253 O  O     . HOH F . ? 0.6018 0.4805 0.6707 0.0105  -0.0336 -0.0603 113 HOH C O     
254 O  O     . HOH F . ? 0.4707 0.2260 0.2255 0.0009  0.0323  -0.0106 114 HOH C O     
255 O  O     . HOH F . ? 0.4034 0.6386 0.6642 0.0129  0.0639  0.1864  115 HOH C O     
256 O  O     . HOH F . ? 0.3354 0.2533 0.3100 0.0146  0.0160  -0.0186 116 HOH C O     
257 O  O     . HOH F . ? 1.1029 0.4521 0.6520 0.0525  0.2713  -0.2343 117 HOH C O     
258 O  O     . HOH F . ? 0.6884 0.4442 0.4023 0.0698  0.0206  -0.0670 118 HOH C O     
259 O  O     . HOH F . ? 0.4696 0.3870 1.2900 -0.0391 0.2847  -0.3660 119 HOH C O     
260 O  O     . HOH F . ? 0.8367 0.4687 0.3816 0.1077  0.1176  0.0470  120 HOH C O     
261 O  O     . HOH F . ? 1.3916 0.4577 1.3043 0.1573  0.6847  0.3896  121 HOH C O     
262 O  O     . HOH F . ? 0.4795 0.3908 0.5349 0.1097  -0.0426 -0.0527 122 HOH C O     
# 
